data_5QSW
#
_entry.id   5QSW
#
_cell.length_a   66.489
_cell.length_b   72.409
_cell.length_c   118.515
_cell.angle_alpha   94.890
_cell.angle_beta   98.600
_cell.angle_gamma   115.590
#
_symmetry.space_group_name_H-M   'P 1'
#
loop_
_entity.id
_entity.type
_entity.pdbx_description
1 polymer 'Cohesin subunit SA-1'
2 non-polymer 1-[4-(3-phenylpropyl)piperazin-1-yl]ethan-1-one
3 water water
#
_entity_poly.entity_id   1
_entity_poly.type   'polypeptide(L)'
_entity_poly.pdbx_seq_one_letter_code
;SMGGTLFEVVKLGKSAMQSVVDDWIESYKQDRDIALLDLINFFIQCSGCRGTVRIEMFRNMQNAEIIRKMTEEFDEDSGD
YPLTMPGPQWKKFRSNFCEFIGVLIRQCQYSIIYDEYMMDTVISLLTGLSDSQVRAFRHTSTLAAMKLMTALVNVALNLS
IHQDNTQRQYEAERNKMIGKRANERLELLLQKRKELQENQDEIENMMNSIFKGIFVHRYRDAIAEIRAICIEEIGVWMKM
YSDAFLNDSYLKYVGWTLHDRQGEVRLKCLKALQSLYTNRELFPKLELFTNRFKDRIVSMTLDKEYDVAVEAIRLVTLIL
HGSEEALSNEDCENVYHLV
;
_entity_poly.pdbx_strand_id   C,A,B,D
#
# COMPACT_ATOMS: atom_id res chain seq x y z
N GLY A 4 44.11 17.07 -23.44
CA GLY A 4 44.27 18.50 -23.88
C GLY A 4 43.84 19.49 -22.81
N THR A 5 42.93 20.41 -23.17
CA THR A 5 42.32 21.48 -22.32
C THR A 5 41.57 20.79 -21.14
N LEU A 6 41.37 21.45 -19.99
CA LEU A 6 40.58 20.89 -18.83
C LEU A 6 39.13 20.61 -19.27
N PHE A 7 38.47 21.57 -19.94
CA PHE A 7 37.14 21.44 -20.58
C PHE A 7 37.07 20.24 -21.55
N GLU A 8 38.15 19.93 -22.25
CA GLU A 8 38.19 18.82 -23.25
C GLU A 8 38.13 17.49 -22.49
N VAL A 9 38.82 17.38 -21.34
CA VAL A 9 38.90 16.11 -20.55
C VAL A 9 37.61 15.90 -19.76
N VAL A 10 37.02 16.98 -19.22
CA VAL A 10 35.75 16.89 -18.45
C VAL A 10 34.61 16.51 -19.41
N LYS A 11 34.59 17.14 -20.59
CA LYS A 11 33.65 16.85 -21.69
C LYS A 11 34.25 15.66 -22.46
N LEU A 12 34.29 14.50 -21.80
CA LEU A 12 34.88 13.22 -22.28
C LEU A 12 35.25 12.42 -21.03
N GLY A 13 34.24 12.04 -20.24
CA GLY A 13 34.44 11.36 -18.96
C GLY A 13 35.19 10.05 -19.05
N LYS A 14 36.24 9.97 -19.86
CA LYS A 14 36.98 8.68 -19.92
C LYS A 14 37.52 8.41 -18.51
N SER A 15 37.12 7.30 -17.91
CA SER A 15 37.56 6.98 -16.53
C SER A 15 38.91 6.26 -16.58
N ALA A 16 39.51 6.03 -15.42
CA ALA A 16 40.81 5.33 -15.34
C ALA A 16 40.69 3.99 -16.07
N MET A 17 39.65 3.24 -15.74
CA MET A 17 39.37 1.93 -16.39
C MET A 17 39.38 2.10 -17.91
N GLN A 18 38.44 2.87 -18.44
CA GLN A 18 38.35 3.03 -19.91
C GLN A 18 39.69 3.54 -20.44
N SER A 19 40.34 4.41 -19.68
CA SER A 19 41.63 4.99 -20.13
C SER A 19 42.61 3.85 -20.29
N VAL A 20 42.64 2.94 -19.30
CA VAL A 20 43.68 1.89 -19.19
C VAL A 20 43.29 0.73 -20.10
N VAL A 21 42.01 0.60 -20.47
CA VAL A 21 41.57 -0.41 -21.48
C VAL A 21 41.99 0.09 -22.87
N ASP A 22 41.81 1.38 -23.13
CA ASP A 22 42.27 2.03 -24.39
C ASP A 22 43.79 1.92 -24.54
N ASP A 23 44.55 2.08 -23.46
CA ASP A 23 46.03 1.93 -23.48
C ASP A 23 46.35 0.47 -23.82
N TRP A 24 45.72 -0.47 -23.11
CA TRP A 24 45.89 -1.95 -23.30
C TRP A 24 45.59 -2.36 -24.74
N ILE A 25 44.48 -1.88 -25.30
CA ILE A 25 44.12 -2.15 -26.72
C ILE A 25 45.27 -1.66 -27.61
N GLU A 26 45.79 -0.45 -27.40
CA GLU A 26 46.95 0.06 -28.21
C GLU A 26 48.17 -0.85 -28.01
N SER A 27 48.47 -1.29 -26.78
CA SER A 27 49.61 -2.19 -26.43
C SER A 27 49.44 -3.59 -27.04
N TYR A 28 48.20 -3.99 -27.33
CA TYR A 28 47.87 -5.30 -27.93
C TYR A 28 48.23 -5.24 -29.42
N LYS A 29 47.97 -4.09 -30.06
CA LYS A 29 48.18 -3.86 -31.52
C LYS A 29 49.68 -3.84 -31.84
N GLN A 30 50.51 -3.23 -31.00
CA GLN A 30 52.00 -3.32 -31.07
C GLN A 30 52.41 -4.78 -30.84
N ASP A 31 52.14 -5.34 -29.66
CA ASP A 31 52.70 -6.66 -29.22
C ASP A 31 51.66 -7.46 -28.43
N ARG A 32 50.82 -8.24 -29.13
CA ARG A 32 49.76 -9.09 -28.50
C ARG A 32 50.34 -9.78 -27.28
N ASP A 33 51.52 -10.38 -27.43
CA ASP A 33 52.10 -11.32 -26.43
C ASP A 33 52.19 -10.60 -25.08
N ILE A 34 52.89 -9.47 -25.03
CA ILE A 34 53.13 -8.73 -23.76
C ILE A 34 51.78 -8.21 -23.20
N ALA A 35 50.82 -7.84 -24.07
CA ALA A 35 49.51 -7.29 -23.65
C ALA A 35 48.73 -8.40 -22.95
N LEU A 36 48.60 -9.57 -23.59
CA LEU A 36 48.01 -10.78 -22.97
C LEU A 36 48.78 -11.15 -21.70
N LEU A 37 50.11 -11.02 -21.72
CA LEU A 37 50.95 -11.27 -20.52
C LEU A 37 50.44 -10.35 -19.40
N ASP A 38 50.31 -9.06 -19.70
CA ASP A 38 49.85 -8.07 -18.70
C ASP A 38 48.42 -8.43 -18.25
N LEU A 39 47.56 -8.84 -19.18
CA LEU A 39 46.13 -9.20 -18.88
C LEU A 39 46.07 -10.47 -18.03
N ILE A 40 46.92 -11.47 -18.33
CA ILE A 40 47.09 -12.71 -17.52
C ILE A 40 47.52 -12.31 -16.10
N ASN A 41 48.59 -11.52 -15.97
CA ASN A 41 49.14 -11.08 -14.65
C ASN A 41 48.06 -10.32 -13.86
N PHE A 42 47.17 -9.63 -14.56
CA PHE A 42 46.06 -8.86 -13.94
C PHE A 42 45.13 -9.82 -13.19
N PHE A 43 44.74 -10.93 -13.83
CA PHE A 43 43.80 -11.89 -13.22
C PHE A 43 44.53 -12.53 -12.04
N ILE A 44 45.79 -12.89 -12.25
CA ILE A 44 46.66 -13.41 -11.17
C ILE A 44 46.62 -12.44 -9.97
N GLN A 45 46.90 -11.14 -10.19
CA GLN A 45 47.01 -10.13 -9.11
C GLN A 45 45.64 -9.92 -8.44
N CYS A 46 44.55 -9.96 -9.21
CA CYS A 46 43.17 -9.77 -8.70
C CYS A 46 42.77 -10.88 -7.73
N SER A 47 43.31 -12.09 -7.87
CA SER A 47 43.14 -13.24 -6.93
C SER A 47 43.96 -13.04 -5.64
N GLY A 48 44.92 -12.12 -5.66
CA GLY A 48 45.80 -11.89 -4.50
C GLY A 48 47.06 -12.71 -4.60
N CYS A 49 47.27 -13.41 -5.72
CA CYS A 49 48.51 -14.16 -5.99
C CYS A 49 49.66 -13.16 -6.06
N ARG A 50 50.78 -13.52 -5.47
CA ARG A 50 51.94 -12.62 -5.21
C ARG A 50 52.98 -12.79 -6.33
N GLY A 51 52.91 -13.83 -7.14
CA GLY A 51 53.81 -14.06 -8.27
C GLY A 51 53.29 -13.35 -9.51
N THR A 52 54.10 -13.28 -10.56
CA THR A 52 53.67 -12.80 -11.91
C THR A 52 54.48 -13.52 -13.01
N VAL A 53 53.81 -13.77 -14.12
CA VAL A 53 54.30 -14.56 -15.29
C VAL A 53 55.16 -13.64 -16.18
N ARG A 54 56.35 -14.10 -16.61
CA ARG A 54 57.27 -13.38 -17.53
C ARG A 54 57.09 -13.94 -18.96
N ILE A 55 57.64 -13.29 -20.00
CA ILE A 55 57.29 -13.70 -21.41
C ILE A 55 57.91 -15.07 -21.70
N GLU A 56 58.96 -15.46 -21.00
CA GLU A 56 59.64 -16.77 -21.23
C GLU A 56 58.68 -17.89 -20.80
N MET A 57 57.90 -17.67 -19.73
CA MET A 57 56.86 -18.61 -19.26
C MET A 57 55.70 -18.58 -20.26
N PHE A 58 55.14 -17.40 -20.51
CA PHE A 58 54.00 -17.21 -21.44
C PHE A 58 54.32 -17.92 -22.77
N ARG A 59 55.55 -17.84 -23.25
CA ARG A 59 55.88 -18.36 -24.62
C ARG A 59 56.11 -19.88 -24.54
N ASN A 60 56.73 -20.38 -23.46
CA ASN A 60 57.39 -21.72 -23.42
C ASN A 60 56.88 -22.68 -22.33
N MET A 61 55.85 -22.33 -21.55
CA MET A 61 55.19 -23.25 -20.60
C MET A 61 53.74 -23.44 -21.03
N GLN A 62 53.17 -24.60 -20.71
CA GLN A 62 51.74 -24.90 -20.98
C GLN A 62 50.91 -24.47 -19.76
N ASN A 63 50.02 -23.49 -19.99
CA ASN A 63 49.02 -22.91 -19.05
C ASN A 63 49.04 -23.65 -17.70
N ALA A 64 48.71 -24.95 -17.70
CA ALA A 64 48.63 -25.80 -16.50
C ALA A 64 49.88 -25.59 -15.62
N GLU A 65 51.04 -25.60 -16.26
CA GLU A 65 52.37 -25.38 -15.63
C GLU A 65 52.39 -23.96 -15.03
N ILE A 66 51.97 -22.96 -15.81
CA ILE A 66 52.00 -21.54 -15.33
C ILE A 66 51.13 -21.49 -14.08
N ILE A 67 50.00 -22.18 -14.10
CA ILE A 67 49.01 -22.15 -12.98
C ILE A 67 49.65 -22.87 -11.80
N ARG A 68 50.23 -24.05 -12.05
CA ARG A 68 51.02 -24.81 -11.04
C ARG A 68 52.00 -23.85 -10.34
N LYS A 69 52.82 -23.10 -11.08
CA LYS A 69 53.89 -22.26 -10.48
C LYS A 69 53.25 -21.10 -9.69
N MET A 70 52.20 -20.45 -10.21
CA MET A 70 51.54 -19.31 -9.51
C MET A 70 50.83 -19.81 -8.24
N THR A 71 50.42 -21.08 -8.22
CA THR A 71 49.78 -21.76 -7.06
C THR A 71 50.69 -21.67 -5.83
N GLU A 72 51.97 -21.97 -6.04
CA GLU A 72 53.02 -22.03 -4.98
C GLU A 72 53.15 -20.63 -4.33
N GLU A 73 53.05 -19.55 -5.09
CA GLU A 73 53.42 -18.18 -4.64
C GLU A 73 52.23 -17.49 -3.96
N PHE A 74 51.63 -18.11 -2.93
CA PHE A 74 50.29 -17.69 -2.42
C PHE A 74 50.26 -17.44 -0.90
N ASP A 75 51.21 -16.67 -0.36
CA ASP A 75 51.18 -16.06 1.00
C ASP A 75 49.91 -16.44 1.76
N ASP A 80 42.30 -15.36 2.11
CA ASP A 80 42.00 -13.90 2.14
C ASP A 80 42.58 -13.23 0.89
N TYR A 81 41.72 -12.82 -0.04
CA TYR A 81 42.06 -12.25 -1.38
C TYR A 81 41.25 -10.98 -1.62
N PRO A 82 41.51 -10.20 -2.69
CA PRO A 82 40.85 -8.91 -2.90
C PRO A 82 39.33 -8.95 -2.85
N LEU A 83 38.71 -10.08 -3.23
CA LEU A 83 37.23 -10.19 -3.31
C LEU A 83 36.63 -10.43 -1.91
N THR A 84 37.34 -11.07 -0.97
CA THR A 84 36.85 -11.31 0.43
C THR A 84 37.29 -10.19 1.39
N MET A 85 38.33 -9.44 1.04
CA MET A 85 38.82 -8.28 1.83
C MET A 85 37.62 -7.45 2.31
N PRO A 86 37.53 -7.12 3.63
CA PRO A 86 36.77 -5.96 4.09
C PRO A 86 37.69 -4.74 4.22
N GLY A 87 37.09 -3.55 4.37
CA GLY A 87 37.76 -2.26 4.59
C GLY A 87 37.47 -1.29 3.46
N PRO A 88 37.61 0.04 3.67
CA PRO A 88 37.21 1.02 2.64
C PRO A 88 38.00 0.92 1.34
N GLN A 89 39.28 0.52 1.39
CA GLN A 89 40.21 0.47 0.23
C GLN A 89 39.98 -0.81 -0.62
N TRP A 90 38.88 -1.55 -0.38
CA TRP A 90 38.42 -2.70 -1.20
C TRP A 90 36.89 -2.78 -1.29
N LYS A 91 36.16 -1.78 -0.79
CA LYS A 91 34.68 -1.73 -0.86
C LYS A 91 34.23 -1.83 -2.33
N LYS A 92 34.88 -1.09 -3.23
CA LYS A 92 34.47 -0.93 -4.66
C LYS A 92 35.29 -1.86 -5.58
N PHE A 93 36.05 -2.83 -5.04
CA PHE A 93 36.93 -3.69 -5.88
C PHE A 93 36.09 -4.60 -6.76
N ARG A 94 35.25 -5.43 -6.14
CA ARG A 94 34.34 -6.31 -6.90
C ARG A 94 33.70 -5.46 -8.00
N SER A 95 33.01 -4.41 -7.60
CA SER A 95 32.24 -3.54 -8.52
C SER A 95 33.13 -3.16 -9.70
N ASN A 96 34.40 -2.82 -9.40
CA ASN A 96 35.36 -2.28 -10.40
C ASN A 96 35.82 -3.41 -11.32
N PHE A 97 36.21 -4.53 -10.72
CA PHE A 97 36.66 -5.75 -11.42
C PHE A 97 35.62 -6.15 -12.46
N CYS A 98 34.35 -6.09 -12.10
CA CYS A 98 33.25 -6.47 -13.02
C CYS A 98 33.12 -5.44 -14.14
N GLU A 99 33.28 -4.16 -13.82
CA GLU A 99 33.14 -3.08 -14.83
C GLU A 99 34.31 -3.22 -15.80
N PHE A 100 35.45 -3.72 -15.31
CA PHE A 100 36.69 -3.75 -16.10
C PHE A 100 36.49 -4.73 -17.24
N ILE A 101 35.95 -5.89 -16.90
CA ILE A 101 35.65 -6.96 -17.88
C ILE A 101 34.64 -6.44 -18.91
N GLY A 102 33.64 -5.71 -18.47
CA GLY A 102 32.64 -5.14 -19.38
C GLY A 102 33.26 -4.14 -20.33
N VAL A 103 34.12 -3.25 -19.83
CA VAL A 103 34.75 -2.17 -20.64
C VAL A 103 35.70 -2.84 -21.63
N LEU A 104 36.63 -3.64 -21.13
CA LEU A 104 37.58 -4.44 -21.94
C LEU A 104 36.92 -5.03 -23.17
N ILE A 105 35.78 -5.71 -23.00
CA ILE A 105 35.18 -6.51 -24.10
C ILE A 105 34.31 -5.59 -24.95
N ARG A 106 33.53 -4.69 -24.34
CA ARG A 106 32.78 -3.66 -25.10
C ARG A 106 33.76 -3.13 -26.15
N GLN A 107 34.99 -2.79 -25.73
CA GLN A 107 35.99 -2.04 -26.53
C GLN A 107 36.63 -2.97 -27.56
N CYS A 108 36.73 -4.27 -27.27
CA CYS A 108 37.43 -5.24 -28.13
C CYS A 108 36.45 -5.89 -29.12
N GLN A 109 35.18 -5.48 -29.11
CA GLN A 109 34.07 -6.32 -29.64
C GLN A 109 34.00 -6.31 -31.18
N TYR A 110 34.59 -5.31 -31.85
CA TYR A 110 34.48 -5.13 -33.31
C TYR A 110 35.73 -5.64 -34.06
N SER A 111 36.90 -5.74 -33.42
CA SER A 111 38.12 -6.29 -34.07
C SER A 111 38.74 -7.42 -33.21
N ILE A 112 39.41 -7.09 -32.10
CA ILE A 112 40.34 -7.98 -31.34
C ILE A 112 39.66 -9.28 -30.87
N ILE A 113 38.36 -9.22 -30.53
CA ILE A 113 37.58 -10.37 -29.97
C ILE A 113 37.60 -11.55 -30.95
N TYR A 114 37.56 -11.26 -32.25
CA TYR A 114 37.43 -12.22 -33.37
C TYR A 114 38.78 -12.72 -33.89
N ASP A 115 39.86 -11.98 -33.67
CA ASP A 115 41.22 -12.56 -33.68
C ASP A 115 41.09 -13.83 -32.84
N GLU A 116 41.79 -14.90 -33.22
CA GLU A 116 41.58 -16.21 -32.53
C GLU A 116 42.61 -16.35 -31.41
N TYR A 117 43.22 -15.26 -30.95
CA TYR A 117 44.32 -15.32 -29.95
C TYR A 117 43.86 -14.77 -28.57
N MET A 118 43.06 -13.70 -28.52
CA MET A 118 42.89 -12.89 -27.27
C MET A 118 41.90 -13.58 -26.35
N MET A 119 40.70 -13.88 -26.83
CA MET A 119 39.63 -14.50 -26.02
C MET A 119 40.02 -15.92 -25.61
N ASP A 120 40.65 -16.68 -26.52
CA ASP A 120 41.06 -18.09 -26.26
C ASP A 120 42.14 -18.10 -25.16
N THR A 121 43.02 -17.10 -25.15
CA THR A 121 44.07 -16.96 -24.12
C THR A 121 43.41 -16.74 -22.76
N VAL A 122 42.47 -15.78 -22.71
CA VAL A 122 41.76 -15.39 -21.46
C VAL A 122 40.95 -16.58 -20.99
N ILE A 123 40.08 -17.11 -21.85
CA ILE A 123 39.13 -18.18 -21.45
C ILE A 123 39.96 -19.38 -20.97
N SER A 124 41.11 -19.67 -21.59
CA SER A 124 41.96 -20.82 -21.17
C SER A 124 42.49 -20.56 -19.76
N LEU A 125 42.94 -19.34 -19.49
CA LEU A 125 43.40 -18.94 -18.14
C LEU A 125 42.25 -19.11 -17.13
N LEU A 126 41.11 -18.46 -17.41
CA LEU A 126 39.93 -18.44 -16.51
C LEU A 126 39.45 -19.86 -16.22
N THR A 127 39.50 -20.74 -17.24
CA THR A 127 39.05 -22.14 -17.08
C THR A 127 40.01 -22.85 -16.13
N GLY A 128 41.30 -22.67 -16.38
CA GLY A 128 42.36 -23.24 -15.52
C GLY A 128 42.28 -22.71 -14.12
N LEU A 129 42.07 -21.41 -13.93
CA LEU A 129 41.99 -20.84 -12.56
C LEU A 129 40.71 -21.32 -11.85
N SER A 130 39.66 -21.68 -12.62
CA SER A 130 38.36 -22.13 -12.09
C SER A 130 38.45 -23.58 -11.63
N ASP A 131 39.48 -24.33 -12.03
CA ASP A 131 39.70 -25.75 -11.62
C ASP A 131 40.67 -25.80 -10.44
N SER A 132 41.04 -24.65 -9.85
CA SER A 132 42.17 -24.58 -8.89
C SER A 132 41.71 -24.99 -7.48
N GLN A 133 42.59 -25.59 -6.70
CA GLN A 133 42.38 -25.90 -5.26
C GLN A 133 42.31 -24.59 -4.48
N VAL A 134 42.99 -23.53 -4.93
CA VAL A 134 42.98 -22.24 -4.19
C VAL A 134 41.60 -21.61 -4.40
N ARG A 135 40.98 -21.24 -3.28
CA ARG A 135 39.64 -20.60 -3.22
C ARG A 135 39.76 -19.29 -3.99
N ALA A 136 40.71 -18.43 -3.60
CA ALA A 136 40.98 -17.10 -4.21
C ALA A 136 40.82 -17.20 -5.73
N PHE A 137 41.57 -18.10 -6.36
CA PHE A 137 41.56 -18.39 -7.81
C PHE A 137 40.17 -18.82 -8.27
N ARG A 138 39.61 -19.87 -7.66
CA ARG A 138 38.26 -20.34 -8.07
C ARG A 138 37.27 -19.18 -8.02
N HIS A 139 37.24 -18.38 -6.94
CA HIS A 139 36.31 -17.22 -6.80
C HIS A 139 36.57 -16.19 -7.89
N THR A 140 37.82 -15.75 -8.05
CA THR A 140 38.14 -14.61 -8.94
C THR A 140 37.81 -14.95 -10.41
N SER A 141 38.32 -16.09 -10.87
CA SER A 141 38.22 -16.52 -12.29
C SER A 141 36.74 -16.67 -12.64
N THR A 142 35.97 -17.30 -11.75
CA THR A 142 34.56 -17.67 -12.03
C THR A 142 33.77 -16.38 -12.21
N LEU A 143 33.81 -15.51 -11.19
CA LEU A 143 33.18 -14.16 -11.24
C LEU A 143 33.57 -13.50 -12.57
N ALA A 144 34.84 -13.54 -12.94
CA ALA A 144 35.34 -12.92 -14.19
C ALA A 144 34.67 -13.57 -15.38
N ALA A 145 34.64 -14.90 -15.41
CA ALA A 145 34.04 -15.69 -16.52
C ALA A 145 32.54 -15.41 -16.60
N MET A 146 31.85 -15.29 -15.46
CA MET A 146 30.39 -14.98 -15.47
C MET A 146 30.17 -13.59 -16.08
N LYS A 147 30.94 -12.59 -15.66
CA LYS A 147 30.85 -11.22 -16.25
C LYS A 147 31.27 -11.30 -17.72
N LEU A 148 32.26 -12.12 -18.04
CA LEU A 148 32.73 -12.27 -19.44
C LEU A 148 31.55 -12.78 -20.29
N MET A 149 30.93 -13.89 -19.92
CA MET A 149 29.78 -14.43 -20.67
C MET A 149 28.76 -13.32 -20.93
N THR A 150 28.37 -12.59 -19.90
CA THR A 150 27.39 -11.48 -20.03
C THR A 150 27.92 -10.45 -21.06
N ALA A 151 29.20 -10.14 -21.04
CA ALA A 151 29.82 -9.16 -21.98
C ALA A 151 29.59 -9.66 -23.42
N LEU A 152 29.88 -10.94 -23.66
CA LEU A 152 29.74 -11.62 -24.98
C LEU A 152 28.27 -11.65 -25.39
N VAL A 153 27.37 -11.99 -24.47
CA VAL A 153 25.91 -11.87 -24.71
C VAL A 153 25.57 -10.46 -25.22
N ASN A 154 26.13 -9.40 -24.62
CA ASN A 154 25.87 -8.00 -25.09
C ASN A 154 26.46 -7.77 -26.47
N VAL A 155 27.62 -8.38 -26.76
CA VAL A 155 28.21 -8.40 -28.14
C VAL A 155 27.21 -9.07 -29.10
N ALA A 156 26.71 -10.26 -28.77
CA ALA A 156 25.76 -11.01 -29.61
C ALA A 156 24.53 -10.14 -29.90
N LEU A 157 23.94 -9.51 -28.89
CA LEU A 157 22.76 -8.61 -29.05
C LEU A 157 23.11 -7.49 -30.04
N ASN A 158 24.32 -6.96 -30.01
CA ASN A 158 24.73 -5.87 -30.93
C ASN A 158 24.84 -6.41 -32.35
N LEU A 159 25.54 -7.54 -32.57
CA LEU A 159 25.52 -8.23 -33.89
C LEU A 159 24.06 -8.39 -34.32
N SER A 160 23.24 -9.05 -33.49
CA SER A 160 21.80 -9.32 -33.73
C SER A 160 21.14 -8.10 -34.38
N ILE A 161 21.36 -6.89 -33.85
CA ILE A 161 20.80 -5.62 -34.44
C ILE A 161 21.38 -5.46 -35.84
N HIS A 162 22.72 -5.47 -35.96
CA HIS A 162 23.47 -5.23 -37.22
C HIS A 162 23.07 -6.30 -38.25
N GLN A 163 22.97 -7.56 -37.82
CA GLN A 163 22.44 -8.67 -38.64
C GLN A 163 21.06 -8.31 -39.20
N ASP A 164 20.21 -7.61 -38.43
CA ASP A 164 18.81 -7.28 -38.86
C ASP A 164 18.82 -6.11 -39.85
N ASN A 165 19.78 -5.19 -39.73
CA ASN A 165 19.88 -4.03 -40.66
C ASN A 165 20.49 -4.52 -41.97
N THR A 166 21.50 -5.42 -41.93
CA THR A 166 22.12 -6.07 -43.13
C THR A 166 21.09 -7.01 -43.78
N GLN A 167 20.18 -7.62 -43.01
CA GLN A 167 19.14 -8.55 -43.53
C GLN A 167 18.12 -7.74 -44.33
N ARG A 168 17.63 -6.63 -43.76
CA ARG A 168 16.65 -5.68 -44.37
C ARG A 168 17.23 -5.07 -45.64
N GLN A 169 18.51 -4.74 -45.61
CA GLN A 169 19.23 -4.02 -46.70
C GLN A 169 19.45 -4.96 -47.88
N TYR A 170 19.78 -6.23 -47.62
CA TYR A 170 19.92 -7.30 -48.65
C TYR A 170 18.57 -7.58 -49.31
N GLU A 171 17.48 -7.62 -48.52
CA GLU A 171 16.11 -7.93 -49.00
C GLU A 171 15.67 -6.86 -50.00
N ALA A 172 16.00 -5.59 -49.72
CA ALA A 172 15.61 -4.39 -50.50
C ALA A 172 16.52 -4.23 -51.74
N GLU A 173 17.51 -5.11 -51.91
CA GLU A 173 18.48 -5.10 -53.05
C GLU A 173 18.32 -6.39 -53.87
N ARG A 174 18.00 -7.52 -53.22
CA ARG A 174 17.65 -8.79 -53.90
C ARG A 174 16.38 -8.54 -54.71
N ASN A 175 15.38 -7.94 -54.05
CA ASN A 175 14.07 -7.56 -54.63
C ASN A 175 14.28 -6.50 -55.73
N LYS A 176 15.08 -5.47 -55.47
CA LYS A 176 15.32 -4.38 -56.45
C LYS A 176 15.78 -5.03 -57.77
N MET A 177 16.69 -6.01 -57.71
CA MET A 177 17.29 -6.66 -58.93
C MET A 177 16.30 -7.68 -59.52
N ILE A 178 16.41 -8.98 -59.18
CA ILE A 178 15.51 -10.07 -59.66
C ILE A 178 15.43 -10.01 -61.20
N GLY A 179 15.87 -11.09 -61.87
CA GLY A 179 16.03 -11.18 -63.33
C GLY A 179 17.36 -10.59 -63.79
N LYS A 180 17.99 -9.78 -62.94
CA LYS A 180 19.22 -9.00 -63.25
C LYS A 180 20.43 -9.69 -62.61
N ARG A 181 21.60 -9.61 -63.27
CA ARG A 181 22.92 -10.05 -62.76
C ARG A 181 23.12 -9.51 -61.34
N ALA A 182 23.60 -10.36 -60.42
CA ALA A 182 23.94 -9.99 -59.02
C ALA A 182 25.07 -8.95 -59.04
N ASN A 183 24.74 -7.68 -58.76
CA ASN A 183 25.64 -6.50 -58.91
C ASN A 183 26.67 -6.45 -57.75
N GLU A 184 27.23 -5.28 -57.44
CA GLU A 184 28.26 -5.12 -56.37
C GLU A 184 27.56 -5.07 -55.00
N ARG A 185 26.62 -4.15 -54.79
CA ARG A 185 25.91 -3.96 -53.49
C ARG A 185 25.41 -5.33 -53.01
N LEU A 186 24.98 -6.20 -53.93
CA LEU A 186 24.33 -7.50 -53.59
C LEU A 186 25.40 -8.55 -53.22
N GLU A 187 26.61 -8.49 -53.79
CA GLU A 187 27.71 -9.43 -53.42
C GLU A 187 28.33 -8.97 -52.09
N LEU A 188 28.41 -7.65 -51.84
CA LEU A 188 28.93 -7.01 -50.59
C LEU A 188 28.03 -7.39 -49.40
N LEU A 189 26.72 -7.15 -49.55
CA LEU A 189 25.66 -7.40 -48.53
C LEU A 189 25.58 -8.90 -48.24
N LEU A 190 25.52 -9.73 -49.28
CA LEU A 190 25.49 -11.21 -49.17
C LEU A 190 26.78 -11.68 -48.46
N GLN A 191 27.84 -10.86 -48.48
CA GLN A 191 29.14 -11.10 -47.77
C GLN A 191 29.05 -10.56 -46.33
N LYS A 192 28.63 -9.30 -46.16
CA LYS A 192 28.37 -8.69 -44.82
C LYS A 192 27.61 -9.71 -43.95
N ARG A 193 26.51 -10.22 -44.49
CA ARG A 193 25.56 -11.15 -43.81
C ARG A 193 26.31 -12.40 -43.32
N LYS A 194 27.14 -13.03 -44.16
CA LYS A 194 27.94 -14.23 -43.77
C LYS A 194 28.92 -13.83 -42.67
N GLU A 195 29.61 -12.71 -42.85
CA GLU A 195 30.65 -12.22 -41.92
C GLU A 195 29.99 -12.12 -40.52
N LEU A 196 28.86 -11.41 -40.45
CA LEU A 196 28.13 -11.19 -39.17
C LEU A 196 27.72 -12.52 -38.54
N GLN A 197 27.21 -13.47 -39.31
CA GLN A 197 26.82 -14.81 -38.78
C GLN A 197 28.08 -15.56 -38.35
N GLU A 198 29.21 -15.39 -39.03
CA GLU A 198 30.48 -16.09 -38.70
C GLU A 198 31.04 -15.45 -37.43
N ASN A 199 30.79 -14.15 -37.24
CA ASN A 199 31.09 -13.46 -35.97
C ASN A 199 30.25 -14.12 -34.87
N GLN A 200 28.95 -14.27 -35.09
CA GLN A 200 28.05 -14.78 -34.02
C GLN A 200 28.37 -16.24 -33.69
N ASP A 201 28.81 -17.03 -34.68
CA ASP A 201 29.30 -18.42 -34.44
C ASP A 201 30.37 -18.34 -33.36
N GLU A 202 31.37 -17.47 -33.60
CA GLU A 202 32.59 -17.29 -32.77
C GLU A 202 32.18 -16.85 -31.37
N ILE A 203 31.20 -15.96 -31.27
CA ILE A 203 30.69 -15.50 -29.94
C ILE A 203 30.10 -16.73 -29.26
N GLU A 204 29.03 -17.30 -29.83
CA GLU A 204 28.41 -18.60 -29.42
C GLU A 204 29.48 -19.62 -29.03
N ASN A 205 30.57 -19.69 -29.77
CA ASN A 205 31.65 -20.68 -29.49
C ASN A 205 32.22 -20.35 -28.11
N MET A 206 32.67 -19.10 -27.92
CA MET A 206 33.34 -18.64 -26.68
C MET A 206 32.35 -18.90 -25.55
N MET A 207 31.08 -18.54 -25.75
CA MET A 207 30.01 -18.77 -24.74
C MET A 207 30.06 -20.23 -24.31
N ASN A 208 30.07 -21.16 -25.28
CA ASN A 208 30.11 -22.62 -25.03
C ASN A 208 31.37 -23.01 -24.24
N SER A 209 32.55 -22.49 -24.58
CA SER A 209 33.81 -22.82 -23.86
C SER A 209 33.66 -22.41 -22.40
N ILE A 210 33.16 -21.20 -22.16
CA ILE A 210 32.92 -20.61 -20.81
C ILE A 210 31.89 -21.49 -20.09
N PHE A 211 30.77 -21.85 -20.75
CA PHE A 211 29.66 -22.63 -20.12
C PHE A 211 30.09 -24.05 -19.75
N LYS A 212 30.59 -24.84 -20.70
CA LYS A 212 30.96 -26.26 -20.52
C LYS A 212 32.17 -26.38 -19.58
N GLY A 213 33.02 -25.35 -19.59
CA GLY A 213 34.35 -25.42 -18.95
C GLY A 213 34.33 -24.87 -17.55
N ILE A 214 33.55 -23.80 -17.34
CA ILE A 214 33.57 -23.03 -16.06
C ILE A 214 32.22 -23.24 -15.38
N PHE A 215 31.11 -22.89 -16.04
CA PHE A 215 29.77 -22.83 -15.37
C PHE A 215 29.41 -24.21 -14.81
N VAL A 216 29.25 -25.19 -15.69
CA VAL A 216 28.66 -26.52 -15.35
C VAL A 216 29.43 -27.16 -14.18
N HIS A 217 30.69 -26.75 -13.95
CA HIS A 217 31.50 -27.19 -12.80
C HIS A 217 31.32 -26.23 -11.61
N ARG A 218 31.30 -24.93 -11.81
CA ARG A 218 31.32 -23.98 -10.66
C ARG A 218 29.95 -23.87 -9.99
N TYR A 219 28.83 -24.13 -10.66
CA TYR A 219 27.49 -23.81 -10.09
C TYR A 219 27.18 -24.80 -8.96
N ARG A 220 27.95 -25.89 -8.90
CA ARG A 220 27.90 -26.93 -7.84
C ARG A 220 29.09 -26.80 -6.89
N ASP A 221 29.79 -25.67 -6.91
CA ASP A 221 31.08 -25.47 -6.19
C ASP A 221 30.92 -25.68 -4.68
N ALA A 222 32.02 -26.03 -4.00
CA ALA A 222 32.08 -26.12 -2.52
C ALA A 222 31.66 -24.79 -1.87
N ILE A 223 32.20 -23.66 -2.33
CA ILE A 223 31.93 -22.32 -1.73
C ILE A 223 30.55 -21.82 -2.16
N ALA A 224 29.75 -21.33 -1.22
CA ALA A 224 28.38 -20.84 -1.53
C ALA A 224 28.48 -19.60 -2.44
N GLU A 225 29.37 -18.65 -2.13
CA GLU A 225 29.43 -17.42 -2.94
C GLU A 225 29.62 -17.77 -4.43
N ILE A 226 30.39 -18.82 -4.74
CA ILE A 226 30.72 -19.22 -6.14
C ILE A 226 29.46 -19.81 -6.80
N ARG A 227 28.69 -20.61 -6.04
CA ARG A 227 27.38 -21.14 -6.54
C ARG A 227 26.43 -19.96 -6.77
N ALA A 228 26.48 -18.95 -5.89
CA ALA A 228 25.60 -17.76 -5.92
C ALA A 228 25.91 -16.91 -7.15
N ILE A 229 27.18 -16.90 -7.55
CA ILE A 229 27.67 -16.04 -8.66
C ILE A 229 27.15 -16.64 -9.96
N CYS A 230 27.23 -17.97 -10.05
CA CYS A 230 26.86 -18.76 -11.27
C CYS A 230 25.36 -18.65 -11.51
N ILE A 231 24.56 -18.90 -10.47
CA ILE A 231 23.08 -18.82 -10.58
C ILE A 231 22.71 -17.39 -10.94
N GLU A 232 23.27 -16.41 -10.25
CA GLU A 232 22.79 -15.03 -10.46
C GLU A 232 22.90 -14.79 -11.96
N GLU A 233 23.95 -15.33 -12.59
CA GLU A 233 24.34 -14.87 -13.94
C GLU A 233 23.61 -15.71 -15.01
N ILE A 234 23.41 -17.01 -14.80
CA ILE A 234 22.63 -17.80 -15.78
C ILE A 234 21.26 -17.12 -15.90
N GLY A 235 20.74 -16.60 -14.77
CA GLY A 235 19.49 -15.82 -14.71
C GLY A 235 19.55 -14.56 -15.57
N VAL A 236 20.69 -13.90 -15.54
CA VAL A 236 20.93 -12.71 -16.38
C VAL A 236 20.97 -13.14 -17.85
N TRP A 237 21.68 -14.23 -18.20
CA TRP A 237 21.75 -14.64 -19.63
C TRP A 237 20.31 -14.97 -20.11
N MET A 238 19.57 -15.76 -19.31
CA MET A 238 18.23 -16.27 -19.67
C MET A 238 17.28 -15.11 -19.97
N LYS A 239 17.36 -13.99 -19.24
CA LYS A 239 16.51 -12.79 -19.48
C LYS A 239 17.03 -12.08 -20.73
N MET A 240 18.34 -11.79 -20.78
CA MET A 240 19.02 -10.93 -21.80
C MET A 240 18.84 -11.54 -23.21
N TYR A 241 18.93 -12.87 -23.32
CA TYR A 241 19.13 -13.65 -24.58
C TYR A 241 18.30 -14.93 -24.42
N SER A 242 16.97 -14.77 -24.52
CA SER A 242 15.97 -15.83 -24.19
C SER A 242 16.18 -17.05 -25.08
N ASP A 243 16.44 -16.87 -26.38
CA ASP A 243 16.37 -17.95 -27.41
C ASP A 243 17.53 -18.94 -27.26
N ALA A 244 18.69 -18.49 -26.75
CA ALA A 244 19.89 -19.33 -26.65
C ALA A 244 19.93 -20.04 -25.29
N PHE A 245 19.60 -19.30 -24.23
CA PHE A 245 19.82 -19.70 -22.81
C PHE A 245 18.50 -20.18 -22.17
N LEU A 246 17.34 -19.70 -22.62
CA LEU A 246 16.05 -20.05 -21.96
C LEU A 246 15.48 -21.31 -22.60
N ASN A 247 15.89 -22.46 -22.05
CA ASN A 247 15.56 -23.83 -22.51
C ASN A 247 15.75 -24.80 -21.34
N ASP A 248 15.16 -26.00 -21.42
CA ASP A 248 14.91 -26.88 -20.26
C ASP A 248 16.22 -27.50 -19.78
N SER A 249 17.25 -27.50 -20.63
CA SER A 249 18.58 -28.07 -20.32
C SER A 249 19.33 -27.13 -19.37
N TYR A 250 19.41 -25.84 -19.74
CA TYR A 250 20.02 -24.76 -18.93
C TYR A 250 19.20 -24.54 -17.65
N LEU A 251 17.87 -24.58 -17.72
CA LEU A 251 16.97 -24.33 -16.55
C LEU A 251 17.11 -25.43 -15.50
N LYS A 252 17.48 -26.65 -15.88
CA LYS A 252 17.67 -27.74 -14.90
C LYS A 252 18.72 -27.33 -13.86
N TYR A 253 19.76 -26.59 -14.25
CA TYR A 253 20.80 -26.06 -13.34
C TYR A 253 20.15 -25.20 -12.24
N VAL A 254 19.15 -24.40 -12.60
CA VAL A 254 18.50 -23.45 -11.66
C VAL A 254 17.58 -24.25 -10.74
N GLY A 255 16.70 -25.06 -11.33
CA GLY A 255 15.89 -26.04 -10.59
C GLY A 255 16.74 -26.88 -9.64
N TRP A 256 17.75 -27.58 -10.14
CA TRP A 256 18.56 -28.49 -9.29
C TRP A 256 19.02 -27.66 -8.08
N THR A 257 19.33 -26.39 -8.29
CA THR A 257 19.96 -25.54 -7.24
C THR A 257 18.90 -25.03 -6.23
N LEU A 258 17.61 -24.97 -6.58
CA LEU A 258 16.55 -24.55 -5.62
C LEU A 258 16.75 -25.35 -4.32
N HIS A 259 17.15 -26.62 -4.44
CA HIS A 259 17.39 -27.53 -3.28
C HIS A 259 18.73 -27.22 -2.57
N ASP A 260 19.40 -26.14 -2.93
CA ASP A 260 20.72 -25.79 -2.34
C ASP A 260 20.52 -25.54 -0.85
N ARG A 261 21.56 -25.74 -0.07
CA ARG A 261 21.55 -25.74 1.42
C ARG A 261 21.54 -24.30 1.92
N GLN A 262 22.05 -23.34 1.14
CA GLN A 262 22.38 -21.97 1.61
C GLN A 262 21.29 -20.96 1.23
N GLY A 263 20.90 -20.12 2.19
CA GLY A 263 19.90 -19.05 2.01
C GLY A 263 20.31 -18.18 0.85
N GLU A 264 21.53 -17.64 0.95
CA GLU A 264 22.23 -16.86 -0.10
C GLU A 264 21.84 -17.38 -1.49
N VAL A 265 22.03 -18.68 -1.75
CA VAL A 265 21.90 -19.33 -3.08
C VAL A 265 20.42 -19.54 -3.44
N ARG A 266 19.65 -20.15 -2.55
CA ARG A 266 18.21 -20.35 -2.84
C ARG A 266 17.64 -19.00 -3.26
N LEU A 267 17.93 -17.97 -2.46
CA LEU A 267 17.50 -16.57 -2.73
C LEU A 267 17.80 -16.24 -4.19
N LYS A 268 19.00 -16.56 -4.67
CA LYS A 268 19.41 -16.17 -6.05
C LYS A 268 18.51 -16.91 -7.07
N CYS A 269 18.36 -18.23 -7.00
CA CYS A 269 17.53 -19.00 -7.98
C CYS A 269 16.18 -18.31 -8.14
N LEU A 270 15.58 -17.87 -7.03
CA LEU A 270 14.21 -17.30 -7.01
C LEU A 270 14.24 -15.91 -7.68
N LYS A 271 15.25 -15.10 -7.33
CA LYS A 271 15.46 -13.77 -7.92
C LYS A 271 15.57 -13.91 -9.45
N ALA A 272 16.31 -14.92 -9.93
CA ALA A 272 16.48 -15.18 -11.37
C ALA A 272 15.14 -15.61 -11.98
N LEU A 273 14.49 -16.61 -11.41
CA LEU A 273 13.19 -17.10 -11.95
C LEU A 273 12.18 -15.96 -11.91
N GLN A 274 12.17 -15.16 -10.84
CA GLN A 274 11.26 -13.98 -10.75
C GLN A 274 11.35 -13.18 -12.07
N SER A 275 12.56 -12.76 -12.45
CA SER A 275 12.79 -11.83 -13.60
C SER A 275 12.35 -12.49 -14.91
N LEU A 276 12.43 -13.81 -15.02
CA LEU A 276 11.85 -14.54 -16.18
C LEU A 276 10.33 -14.40 -16.14
N TYR A 277 9.66 -15.00 -15.15
CA TYR A 277 8.17 -15.02 -15.03
C TYR A 277 7.53 -13.62 -15.15
N THR A 278 8.17 -12.50 -14.79
CA THR A 278 7.57 -11.14 -14.98
C THR A 278 7.29 -10.91 -16.47
N ASN A 279 8.18 -11.36 -17.36
CA ASN A 279 7.98 -11.27 -18.83
C ASN A 279 6.90 -12.27 -19.25
N ARG A 280 5.67 -11.74 -19.41
CA ARG A 280 4.45 -12.42 -19.92
C ARG A 280 4.63 -12.71 -21.41
N GLU A 281 5.59 -13.55 -21.79
CA GLU A 281 6.11 -13.60 -23.18
C GLU A 281 7.02 -14.81 -23.34
N LEU A 282 8.01 -14.94 -22.46
CA LEU A 282 8.81 -16.18 -22.37
C LEU A 282 8.11 -17.14 -21.40
N PHE A 283 7.07 -16.65 -20.71
CA PHE A 283 6.09 -17.44 -19.91
C PHE A 283 5.74 -18.77 -20.60
N PRO A 284 5.28 -18.81 -21.87
CA PRO A 284 5.20 -20.08 -22.60
C PRO A 284 6.41 -21.01 -22.49
N LYS A 285 7.63 -20.46 -22.55
CA LYS A 285 8.89 -21.25 -22.54
C LYS A 285 9.27 -21.70 -21.12
N LEU A 286 8.51 -21.30 -20.09
CA LEU A 286 8.72 -21.75 -18.69
C LEU A 286 7.70 -22.83 -18.31
N GLU A 287 6.81 -23.21 -19.24
CA GLU A 287 5.66 -24.12 -18.98
C GLU A 287 6.14 -25.47 -18.44
N LEU A 288 7.10 -26.14 -19.09
CA LEU A 288 7.52 -27.50 -18.65
C LEU A 288 8.28 -27.39 -17.32
N PHE A 289 9.15 -26.37 -17.17
CA PHE A 289 9.98 -26.10 -15.96
C PHE A 289 9.09 -25.88 -14.72
N THR A 290 7.95 -25.20 -14.88
CA THR A 290 7.01 -24.89 -13.77
C THR A 290 6.36 -26.17 -13.28
N ASN A 291 5.94 -27.05 -14.19
CA ASN A 291 5.31 -28.36 -13.86
C ASN A 291 6.31 -29.15 -13.03
N ARG A 292 7.60 -29.04 -13.41
CA ARG A 292 8.70 -29.89 -12.88
C ARG A 292 9.01 -29.48 -11.44
N PHE A 293 8.96 -28.19 -11.11
CA PHE A 293 9.49 -27.66 -9.83
C PHE A 293 8.45 -26.81 -9.09
N LYS A 294 7.16 -26.90 -9.46
CA LYS A 294 6.07 -26.24 -8.70
C LYS A 294 6.16 -26.72 -7.24
N ASP A 295 6.31 -28.02 -7.00
CA ASP A 295 6.40 -28.59 -5.62
C ASP A 295 7.55 -27.94 -4.84
N ARG A 296 8.67 -27.60 -5.48
CA ARG A 296 9.85 -27.06 -4.76
C ARG A 296 9.71 -25.54 -4.59
N ILE A 297 9.36 -24.84 -5.66
CA ILE A 297 9.13 -23.36 -5.64
C ILE A 297 8.15 -23.06 -4.52
N VAL A 298 7.02 -23.75 -4.58
CA VAL A 298 5.86 -23.59 -3.67
C VAL A 298 6.30 -23.94 -2.24
N SER A 299 6.99 -25.07 -2.04
CA SER A 299 7.49 -25.51 -0.72
C SER A 299 8.39 -24.43 -0.10
N MET A 300 9.02 -23.59 -0.92
CA MET A 300 10.04 -22.62 -0.43
C MET A 300 9.35 -21.35 0.08
N THR A 301 8.03 -21.22 -0.09
CA THR A 301 7.25 -20.10 0.49
C THR A 301 7.26 -20.17 2.02
N LEU A 302 7.50 -21.35 2.62
CA LEU A 302 7.64 -21.50 4.10
C LEU A 302 9.07 -21.93 4.41
N ASP A 303 10.04 -21.39 3.66
CA ASP A 303 11.42 -21.90 3.46
C ASP A 303 12.14 -22.26 4.76
N LYS A 304 12.20 -21.36 5.74
CA LYS A 304 13.11 -21.46 6.92
C LYS A 304 13.87 -20.14 7.05
N GLU A 305 14.46 -19.70 5.95
CA GLU A 305 15.04 -18.34 5.87
C GLU A 305 13.91 -17.40 5.43
N TYR A 306 13.59 -16.42 6.26
CA TYR A 306 12.48 -15.47 6.04
C TYR A 306 12.56 -14.91 4.63
N ASP A 307 13.72 -14.38 4.28
CA ASP A 307 13.92 -13.51 3.08
C ASP A 307 13.94 -14.38 1.81
N VAL A 308 14.29 -15.67 1.96
CA VAL A 308 14.13 -16.69 0.88
C VAL A 308 12.64 -16.93 0.66
N ALA A 309 11.94 -17.27 1.74
CA ALA A 309 10.48 -17.48 1.74
C ALA A 309 9.78 -16.27 1.08
N VAL A 310 10.08 -15.04 1.54
CA VAL A 310 9.46 -13.81 0.96
C VAL A 310 9.54 -13.94 -0.56
N GLU A 311 10.75 -14.15 -1.07
CA GLU A 311 11.02 -14.15 -2.54
C GLU A 311 10.16 -15.25 -3.19
N ALA A 312 10.27 -16.49 -2.68
CA ALA A 312 9.46 -17.64 -3.14
C ALA A 312 7.99 -17.23 -3.25
N ILE A 313 7.44 -16.64 -2.19
CA ILE A 313 6.03 -16.19 -2.19
C ILE A 313 5.87 -15.26 -3.39
N ARG A 314 6.72 -14.23 -3.52
CA ARG A 314 6.65 -13.27 -4.65
C ARG A 314 6.66 -14.07 -5.98
N LEU A 315 7.59 -15.02 -6.14
CA LEU A 315 7.69 -15.86 -7.37
C LEU A 315 6.33 -16.48 -7.62
N VAL A 316 5.81 -17.19 -6.63
CA VAL A 316 4.55 -17.96 -6.77
C VAL A 316 3.44 -17.00 -7.22
N THR A 317 3.35 -15.79 -6.63
CA THR A 317 2.28 -14.83 -7.00
C THR A 317 2.49 -14.49 -8.48
N LEU A 318 3.73 -14.31 -8.91
CA LEU A 318 4.07 -14.02 -10.34
C LEU A 318 3.60 -15.20 -11.19
N ILE A 319 3.94 -16.44 -10.82
CA ILE A 319 3.44 -17.64 -11.55
C ILE A 319 1.89 -17.64 -11.53
N LEU A 320 1.25 -17.25 -10.43
CA LEU A 320 -0.24 -17.24 -10.34
C LEU A 320 -0.78 -16.34 -11.43
N HIS A 321 -0.29 -15.10 -11.48
CA HIS A 321 -0.80 -14.04 -12.37
C HIS A 321 -0.74 -14.44 -13.85
N GLY A 322 0.15 -15.37 -14.27
CA GLY A 322 0.13 -15.94 -15.63
C GLY A 322 -0.49 -17.33 -15.71
N GLY B 3 50.96 5.64 -14.27
CA GLY B 3 50.10 5.43 -13.07
C GLY B 3 49.58 4.00 -13.00
N GLY B 4 50.47 3.04 -12.78
CA GLY B 4 50.17 1.70 -12.25
C GLY B 4 49.82 0.64 -13.30
N THR B 5 50.01 -0.63 -12.92
CA THR B 5 49.51 -1.85 -13.62
C THR B 5 47.99 -1.80 -13.77
N LEU B 6 47.44 -2.76 -14.52
CA LEU B 6 45.98 -2.97 -14.68
C LEU B 6 45.35 -3.17 -13.30
N PHE B 7 46.05 -3.89 -12.41
CA PHE B 7 45.53 -4.27 -11.06
C PHE B 7 45.25 -3.03 -10.20
N GLU B 8 46.07 -1.99 -10.33
CA GLU B 8 46.00 -0.79 -9.47
C GLU B 8 44.89 0.11 -9.99
N VAL B 9 44.84 0.34 -11.31
CA VAL B 9 43.83 1.23 -11.94
C VAL B 9 42.45 0.65 -11.63
N VAL B 10 42.34 -0.67 -11.56
CA VAL B 10 41.05 -1.38 -11.31
C VAL B 10 40.76 -1.32 -9.80
N LYS B 11 41.77 -1.55 -8.95
CA LYS B 11 41.58 -1.47 -7.47
C LYS B 11 41.05 -0.08 -7.10
N LEU B 12 41.80 0.97 -7.44
CA LEU B 12 41.41 2.38 -7.21
C LEU B 12 40.06 2.66 -7.87
N GLY B 13 39.89 2.22 -9.12
CA GLY B 13 38.71 2.52 -9.96
C GLY B 13 38.33 3.98 -9.85
N LYS B 14 39.30 4.88 -10.04
CA LYS B 14 39.08 6.35 -10.01
C LYS B 14 38.07 6.71 -11.10
N SER B 15 37.16 7.64 -10.82
CA SER B 15 36.19 8.20 -11.80
C SER B 15 36.93 9.09 -12.81
N ALA B 16 36.23 9.49 -13.87
CA ALA B 16 36.70 10.46 -14.87
C ALA B 16 37.25 11.69 -14.14
N MET B 17 36.43 12.27 -13.26
CA MET B 17 36.73 13.55 -12.58
C MET B 17 37.81 13.35 -11.51
N GLN B 18 37.84 12.21 -10.81
CA GLN B 18 38.88 11.91 -9.80
C GLN B 18 40.25 11.99 -10.48
N SER B 19 40.37 11.47 -11.70
CA SER B 19 41.65 11.28 -12.42
C SER B 19 42.12 12.64 -12.95
N VAL B 20 41.21 13.46 -13.47
CA VAL B 20 41.56 14.81 -14.00
C VAL B 20 41.90 15.74 -12.81
N VAL B 21 41.24 15.58 -11.67
CA VAL B 21 41.50 16.42 -10.47
C VAL B 21 42.91 16.09 -9.94
N ASP B 22 43.25 14.80 -9.86
CA ASP B 22 44.57 14.29 -9.41
C ASP B 22 45.64 14.92 -10.31
N ASP B 23 45.32 15.00 -11.61
CA ASP B 23 46.17 15.63 -12.64
C ASP B 23 46.33 17.13 -12.35
N TRP B 24 45.24 17.81 -12.00
CA TRP B 24 45.28 19.28 -11.78
C TRP B 24 46.03 19.60 -10.49
N ILE B 25 45.86 18.81 -9.44
CA ILE B 25 46.58 19.03 -8.14
C ILE B 25 48.08 18.85 -8.38
N GLU B 26 48.48 17.93 -9.28
CA GLU B 26 49.92 17.75 -9.68
C GLU B 26 50.36 18.95 -10.52
N SER B 27 49.57 19.38 -11.51
CA SER B 27 49.79 20.60 -12.32
C SER B 27 50.02 21.82 -11.41
N TYR B 28 49.24 21.95 -10.32
CA TYR B 28 49.26 23.09 -9.37
C TYR B 28 50.53 23.03 -8.51
N LYS B 29 50.90 21.84 -8.02
CA LYS B 29 52.12 21.63 -7.19
C LYS B 29 53.37 21.92 -8.01
N GLN B 30 53.32 21.76 -9.34
CA GLN B 30 54.37 22.25 -10.29
C GLN B 30 54.29 23.78 -10.30
N ASP B 31 53.41 24.37 -11.13
CA ASP B 31 53.28 25.84 -11.23
C ASP B 31 51.86 26.23 -10.84
N ARG B 32 51.71 26.85 -9.65
CA ARG B 32 50.43 27.36 -9.09
C ARG B 32 49.74 28.27 -10.11
N ASP B 33 50.51 29.10 -10.81
CA ASP B 33 50.02 30.18 -11.69
C ASP B 33 49.32 29.58 -12.92
N ILE B 34 49.98 28.73 -13.70
CA ILE B 34 49.35 28.29 -14.98
C ILE B 34 48.30 27.21 -14.68
N ALA B 35 48.32 26.57 -13.50
CA ALA B 35 47.27 25.61 -13.05
C ALA B 35 46.00 26.40 -12.76
N LEU B 36 46.07 27.36 -11.85
CA LEU B 36 44.98 28.33 -11.59
C LEU B 36 44.48 28.93 -12.90
N LEU B 37 45.35 29.12 -13.89
CA LEU B 37 44.92 29.67 -15.21
C LEU B 37 44.10 28.63 -15.98
N ASP B 38 44.56 27.37 -16.06
CA ASP B 38 43.82 26.22 -16.66
C ASP B 38 42.43 26.17 -16.05
N LEU B 39 42.39 26.23 -14.71
CA LEU B 39 41.16 26.26 -13.87
C LEU B 39 40.28 27.46 -14.28
N ILE B 40 40.82 28.68 -14.31
CA ILE B 40 40.06 29.91 -14.69
C ILE B 40 39.40 29.63 -16.05
N ASN B 41 40.20 29.17 -17.01
CA ASN B 41 39.74 28.96 -18.40
C ASN B 41 38.67 27.89 -18.43
N PHE B 42 38.76 26.92 -17.50
CA PHE B 42 37.82 25.77 -17.43
C PHE B 42 36.40 26.32 -17.26
N PHE B 43 36.19 27.21 -16.29
CA PHE B 43 34.88 27.84 -15.98
C PHE B 43 34.50 28.78 -17.12
N ILE B 44 35.48 29.44 -17.74
CA ILE B 44 35.25 30.35 -18.91
C ILE B 44 34.62 29.53 -20.03
N GLN B 45 35.24 28.41 -20.37
CA GLN B 45 34.90 27.59 -21.57
C GLN B 45 33.65 26.75 -21.28
N CYS B 46 33.36 26.48 -20.00
CA CYS B 46 32.17 25.72 -19.53
C CYS B 46 30.90 26.57 -19.68
N SER B 47 31.07 27.90 -19.79
CA SER B 47 30.01 28.86 -20.21
C SER B 47 29.69 28.67 -21.69
N GLY B 48 30.65 28.11 -22.45
CA GLY B 48 30.60 28.00 -23.91
C GLY B 48 31.33 29.17 -24.56
N CYS B 49 31.82 30.11 -23.74
CA CYS B 49 32.64 31.26 -24.19
C CYS B 49 33.91 30.72 -24.84
N ARG B 50 34.02 30.86 -26.17
CA ARG B 50 35.09 30.30 -27.03
C ARG B 50 36.45 30.94 -26.66
N GLY B 51 36.43 32.09 -25.99
CA GLY B 51 37.63 32.78 -25.49
C GLY B 51 38.46 31.92 -24.55
N THR B 52 39.63 32.44 -24.18
CA THR B 52 40.59 31.79 -23.26
C THR B 52 41.57 32.88 -22.78
N VAL B 53 42.18 32.70 -21.60
CA VAL B 53 42.93 33.72 -20.80
C VAL B 53 44.42 33.34 -20.79
N ARG B 54 45.29 34.21 -21.32
CA ARG B 54 46.76 34.03 -21.32
C ARG B 54 47.34 34.32 -19.92
N ILE B 55 48.55 33.79 -19.67
CA ILE B 55 49.26 33.88 -18.36
C ILE B 55 49.75 35.32 -18.17
N GLU B 56 49.82 36.09 -19.27
CA GLU B 56 50.28 37.51 -19.26
C GLU B 56 49.10 38.41 -18.91
N MET B 57 47.89 38.13 -19.44
CA MET B 57 46.61 38.79 -19.04
C MET B 57 46.39 38.59 -17.54
N PHE B 58 46.48 37.34 -17.08
CA PHE B 58 46.43 36.92 -15.65
C PHE B 58 47.20 37.94 -14.82
N ARG B 59 48.52 38.00 -15.07
CA ARG B 59 49.48 38.72 -14.18
C ARG B 59 49.31 40.24 -14.34
N ASN B 60 48.83 40.74 -15.48
CA ASN B 60 48.82 42.19 -15.80
C ASN B 60 47.48 42.87 -15.48
N MET B 61 46.36 42.34 -15.99
CA MET B 61 45.02 43.00 -15.97
C MET B 61 44.34 42.86 -14.60
N GLN B 62 43.43 43.78 -14.31
CA GLN B 62 42.47 43.72 -13.16
C GLN B 62 41.44 42.65 -13.47
N ASN B 63 40.56 42.33 -12.52
CA ASN B 63 39.56 41.24 -12.66
C ASN B 63 38.39 41.74 -13.51
N ALA B 64 38.06 43.04 -13.45
CA ALA B 64 36.96 43.68 -14.18
C ALA B 64 37.21 43.69 -15.70
N GLU B 65 38.43 44.01 -16.15
CA GLU B 65 38.73 44.25 -17.59
C GLU B 65 38.94 42.93 -18.33
N ILE B 66 39.11 41.79 -17.64
CA ILE B 66 39.26 40.45 -18.30
C ILE B 66 37.86 39.87 -18.51
N ILE B 67 37.10 39.67 -17.43
CA ILE B 67 35.66 39.31 -17.58
C ILE B 67 35.11 40.15 -18.73
N ARG B 68 35.25 41.47 -18.66
CA ARG B 68 34.90 42.40 -19.78
C ARG B 68 35.44 41.82 -21.09
N LYS B 69 36.75 41.54 -21.15
CA LYS B 69 37.45 41.07 -22.39
C LYS B 69 36.87 39.73 -22.84
N MET B 70 36.52 38.87 -21.89
CA MET B 70 35.92 37.54 -22.19
C MET B 70 34.46 37.74 -22.66
N THR B 71 33.71 38.63 -22.01
CA THR B 71 32.32 39.03 -22.35
C THR B 71 32.21 39.47 -23.83
N GLU B 72 32.94 40.52 -24.22
CA GLU B 72 32.98 41.02 -25.64
C GLU B 72 33.56 39.91 -26.52
N GLU B 73 32.73 38.90 -26.84
CA GLU B 73 33.10 37.70 -27.63
C GLU B 73 31.85 37.09 -28.26
N ASP B 80 22.39 28.66 -27.25
CA ASP B 80 22.37 27.50 -26.32
C ASP B 80 23.81 27.20 -25.88
N TYR B 81 24.05 27.08 -24.57
CA TYR B 81 25.39 26.93 -23.94
C TYR B 81 25.48 25.56 -23.25
N PRO B 82 26.71 25.02 -23.00
CA PRO B 82 26.88 23.63 -22.58
C PRO B 82 25.86 23.15 -21.55
N LEU B 83 25.57 23.95 -20.51
CA LEU B 83 24.79 23.49 -19.32
C LEU B 83 23.29 23.36 -19.64
N THR B 84 22.83 23.68 -20.86
CA THR B 84 21.40 23.60 -21.28
C THR B 84 21.20 22.76 -22.56
N MET B 85 22.18 21.96 -22.96
CA MET B 85 22.08 21.04 -24.13
C MET B 85 21.94 19.59 -23.61
N GLY B 87 21.37 16.33 -24.89
CA GLY B 87 21.31 14.85 -25.00
C GLY B 87 21.63 14.17 -23.67
N PRO B 88 22.05 12.87 -23.67
CA PRO B 88 22.60 12.21 -22.48
C PRO B 88 24.12 12.24 -22.38
N GLN B 89 24.79 12.97 -23.30
CA GLN B 89 26.25 13.28 -23.28
C GLN B 89 26.45 14.55 -22.43
N TRP B 90 25.57 15.54 -22.59
CA TRP B 90 25.65 16.84 -21.87
C TRP B 90 24.96 16.70 -20.51
N LYS B 91 24.25 15.59 -20.25
CA LYS B 91 23.78 15.25 -18.88
C LYS B 91 24.97 14.69 -18.08
N LYS B 92 25.84 13.88 -18.70
CA LYS B 92 27.05 13.35 -18.03
C LYS B 92 28.07 14.49 -17.90
N PHE B 93 28.03 15.50 -18.77
CA PHE B 93 28.85 16.73 -18.61
C PHE B 93 28.39 17.49 -17.36
N ARG B 94 27.17 18.04 -17.38
CA ARG B 94 26.52 18.68 -16.19
C ARG B 94 26.97 17.91 -14.94
N SER B 95 26.73 16.61 -14.91
CA SER B 95 27.15 15.76 -13.77
C SER B 95 28.67 15.89 -13.56
N ASN B 96 29.47 15.87 -14.62
CA ASN B 96 30.97 15.87 -14.54
C ASN B 96 31.48 17.26 -14.12
N PHE B 97 30.91 18.33 -14.66
CA PHE B 97 31.09 19.71 -14.15
C PHE B 97 30.93 19.73 -12.62
N CYS B 98 29.82 19.21 -12.11
CA CYS B 98 29.50 19.28 -10.67
C CYS B 98 30.47 18.40 -9.88
N GLU B 99 30.83 17.23 -10.41
CA GLU B 99 31.68 16.26 -9.67
C GLU B 99 33.13 16.78 -9.68
N PHE B 100 33.60 17.36 -10.79
CA PHE B 100 34.91 18.05 -10.82
C PHE B 100 35.05 18.87 -9.54
N ILE B 101 34.13 19.83 -9.36
CA ILE B 101 34.20 20.84 -8.28
C ILE B 101 34.21 20.12 -6.95
N GLY B 102 33.27 19.20 -6.74
CA GLY B 102 33.18 18.43 -5.48
C GLY B 102 34.49 17.70 -5.23
N VAL B 103 35.02 17.00 -6.24
CA VAL B 103 36.25 16.19 -6.07
C VAL B 103 37.43 17.14 -5.88
N LEU B 104 37.50 18.22 -6.68
CA LEU B 104 38.62 19.21 -6.56
C LEU B 104 38.76 19.65 -5.10
N ILE B 105 37.69 20.11 -4.46
CA ILE B 105 37.77 20.69 -3.10
C ILE B 105 38.00 19.55 -2.10
N ARG B 106 37.52 18.32 -2.35
CA ARG B 106 37.67 17.19 -1.38
C ARG B 106 39.16 16.88 -1.23
N GLN B 107 39.90 16.99 -2.33
CA GLN B 107 41.34 16.61 -2.45
C GLN B 107 42.23 17.71 -1.85
N CYS B 108 41.94 18.97 -2.18
CA CYS B 108 42.68 20.17 -1.70
C CYS B 108 42.32 20.53 -0.23
N GLN B 109 41.45 19.75 0.44
CA GLN B 109 40.78 20.19 1.70
C GLN B 109 41.76 20.14 2.89
N TYR B 110 42.96 19.57 2.71
CA TYR B 110 43.95 19.41 3.82
C TYR B 110 45.20 20.29 3.61
N SER B 111 45.34 21.04 2.51
CA SER B 111 46.46 22.00 2.34
C SER B 111 46.09 23.12 1.36
N ILE B 112 46.01 22.82 0.08
CA ILE B 112 45.92 23.85 -1.00
C ILE B 112 44.75 24.80 -0.71
N ILE B 113 43.64 24.30 -0.16
CA ILE B 113 42.42 25.11 0.18
C ILE B 113 42.86 26.32 1.04
N TYR B 114 43.65 26.04 2.08
CA TYR B 114 44.09 27.00 3.13
C TYR B 114 45.16 27.96 2.59
N ASP B 115 46.08 27.48 1.71
CA ASP B 115 46.93 28.37 0.87
C ASP B 115 45.99 29.47 0.35
N GLU B 116 46.35 30.73 0.61
CA GLU B 116 45.45 31.90 0.51
C GLU B 116 45.53 32.46 -0.91
N TYR B 117 45.46 31.59 -1.91
CA TYR B 117 45.59 31.94 -3.35
C TYR B 117 44.52 31.21 -4.17
N MET B 118 44.43 29.87 -4.09
CA MET B 118 43.55 29.06 -4.99
C MET B 118 42.09 29.43 -4.75
N MET B 119 41.64 29.40 -3.50
CA MET B 119 40.21 29.56 -3.17
C MET B 119 39.77 31.00 -3.40
N ASP B 120 40.58 32.00 -3.02
CA ASP B 120 40.23 33.43 -3.25
C ASP B 120 40.14 33.70 -4.77
N THR B 121 40.96 33.06 -5.61
CA THR B 121 40.99 33.31 -7.09
C THR B 121 39.69 32.78 -7.70
N VAL B 122 39.39 31.52 -7.40
CA VAL B 122 38.18 30.79 -7.90
C VAL B 122 36.93 31.57 -7.45
N ILE B 123 36.78 31.79 -6.14
CA ILE B 123 35.59 32.48 -5.55
C ILE B 123 35.42 33.84 -6.22
N SER B 124 36.54 34.55 -6.43
CA SER B 124 36.58 35.89 -7.08
C SER B 124 36.06 35.77 -8.52
N LEU B 125 36.53 34.78 -9.28
CA LEU B 125 36.14 34.63 -10.71
C LEU B 125 34.63 34.39 -10.83
N LEU B 126 34.08 33.49 -10.01
CA LEU B 126 32.64 33.12 -10.05
C LEU B 126 31.80 34.32 -9.61
N THR B 127 32.23 35.05 -8.56
CA THR B 127 31.56 36.28 -8.05
C THR B 127 31.44 37.29 -9.20
N GLY B 128 32.54 37.51 -9.91
CA GLY B 128 32.59 38.41 -11.08
C GLY B 128 31.71 37.90 -12.21
N LEU B 129 31.85 36.61 -12.56
CA LEU B 129 31.07 35.98 -13.65
C LEU B 129 29.57 35.96 -13.30
N SER B 130 29.24 35.90 -12.00
CA SER B 130 27.85 35.82 -11.51
C SER B 130 27.16 37.18 -11.59
N ASP B 131 27.90 38.27 -11.86
CA ASP B 131 27.30 39.63 -12.05
C ASP B 131 27.15 39.95 -13.55
N SER B 132 27.67 39.10 -14.43
CA SER B 132 27.69 39.34 -15.90
C SER B 132 26.28 39.25 -16.46
N GLN B 133 25.89 40.22 -17.29
CA GLN B 133 24.56 40.25 -17.96
C GLN B 133 24.56 39.26 -19.12
N VAL B 134 25.65 38.51 -19.34
CA VAL B 134 25.65 37.38 -20.31
C VAL B 134 25.01 36.15 -19.66
N ARG B 135 24.10 35.50 -20.37
CA ARG B 135 23.23 34.42 -19.83
C ARG B 135 24.14 33.29 -19.36
N ALA B 136 24.99 32.80 -20.25
CA ALA B 136 25.79 31.59 -20.01
C ALA B 136 26.67 31.78 -18.76
N PHE B 137 27.14 32.99 -18.48
CA PHE B 137 28.13 33.24 -17.41
C PHE B 137 27.43 33.08 -16.06
N ARG B 138 26.20 33.59 -15.94
CA ARG B 138 25.49 33.68 -14.63
C ARG B 138 25.08 32.26 -14.22
N HIS B 139 24.52 31.49 -15.15
CA HIS B 139 24.18 30.05 -14.96
C HIS B 139 25.40 29.29 -14.40
N THR B 140 26.50 29.30 -15.15
CA THR B 140 27.68 28.42 -15.01
C THR B 140 28.39 28.73 -13.69
N SER B 141 28.64 30.01 -13.46
CA SER B 141 29.33 30.52 -12.26
C SER B 141 28.49 30.19 -11.04
N THR B 142 27.16 30.34 -11.15
CA THR B 142 26.20 30.12 -10.04
C THR B 142 26.13 28.62 -9.74
N LEU B 143 26.01 27.76 -10.75
CA LEU B 143 26.04 26.29 -10.54
C LEU B 143 27.37 25.92 -9.85
N ALA B 144 28.47 26.47 -10.35
CA ALA B 144 29.84 26.15 -9.86
C ALA B 144 29.95 26.56 -8.40
N ALA B 145 29.52 27.78 -8.12
CA ALA B 145 29.55 28.43 -6.79
C ALA B 145 28.72 27.61 -5.81
N MET B 146 27.48 27.27 -6.17
CA MET B 146 26.54 26.51 -5.32
C MET B 146 27.16 25.16 -4.97
N LYS B 147 27.85 24.53 -5.92
CA LYS B 147 28.53 23.23 -5.68
C LYS B 147 29.76 23.47 -4.81
N LEU B 148 30.56 24.48 -5.17
CA LEU B 148 31.74 24.89 -4.38
C LEU B 148 31.29 25.04 -2.92
N MET B 149 30.28 25.88 -2.73
CA MET B 149 29.68 26.13 -1.41
C MET B 149 29.44 24.76 -0.75
N THR B 150 28.70 23.87 -1.42
CA THR B 150 28.36 22.54 -0.86
C THR B 150 29.65 21.80 -0.49
N ALA B 151 30.74 22.01 -1.22
CA ALA B 151 32.02 21.29 -1.00
C ALA B 151 32.71 21.86 0.25
N LEU B 152 32.60 23.18 0.47
CA LEU B 152 33.19 23.86 1.65
C LEU B 152 32.40 23.47 2.90
N VAL B 153 31.07 23.34 2.76
CA VAL B 153 30.18 22.86 3.86
C VAL B 153 30.64 21.47 4.27
N ASN B 154 31.16 20.67 3.35
CA ASN B 154 31.66 19.29 3.63
C ASN B 154 33.03 19.39 4.33
N VAL B 155 33.88 20.33 3.91
CA VAL B 155 35.16 20.59 4.62
C VAL B 155 34.77 20.90 6.07
N ALA B 156 33.86 21.86 6.24
CA ALA B 156 33.42 22.43 7.54
C ALA B 156 32.90 21.29 8.41
N LEU B 157 32.17 20.36 7.81
CA LEU B 157 31.53 19.21 8.49
C LEU B 157 32.57 18.17 8.89
N ASN B 158 33.77 18.18 8.27
CA ASN B 158 34.92 17.35 8.69
C ASN B 158 35.72 18.07 9.77
N LEU B 159 35.85 19.40 9.68
CA LEU B 159 36.59 20.21 10.67
C LEU B 159 35.79 20.28 11.97
N SER B 160 34.45 20.25 11.90
CA SER B 160 33.57 20.26 13.11
C SER B 160 33.54 18.85 13.71
N ILE B 161 33.89 17.81 12.94
CA ILE B 161 33.94 16.37 13.36
C ILE B 161 35.34 16.00 13.84
N HIS B 162 36.39 16.63 13.32
CA HIS B 162 37.76 16.61 13.92
C HIS B 162 37.73 17.47 15.20
N GLN B 163 37.06 18.64 15.18
CA GLN B 163 37.18 19.73 16.21
C GLN B 163 36.74 19.20 17.58
N ASP B 164 35.61 18.49 17.64
CA ASP B 164 35.15 17.77 18.85
C ASP B 164 35.41 16.27 18.65
N ASN B 165 36.59 15.94 18.13
CA ASN B 165 37.23 14.60 18.25
C ASN B 165 38.58 14.77 18.99
N THR B 166 39.25 15.91 18.84
CA THR B 166 40.26 16.44 19.80
C THR B 166 39.49 17.35 20.80
N GLN B 167 38.73 16.69 21.68
CA GLN B 167 37.97 17.28 22.82
C GLN B 167 37.87 16.21 23.91
N ARG B 168 37.38 15.02 23.53
CA ARG B 168 37.45 13.79 24.36
C ARG B 168 38.90 13.28 24.41
N GLN B 169 39.71 13.55 23.38
CA GLN B 169 41.18 13.30 23.38
C GLN B 169 41.91 14.50 22.79
N LEU B 186 48.70 17.05 26.39
CA LEU B 186 47.82 18.19 26.01
C LEU B 186 48.56 19.21 25.13
N GLU B 187 49.90 19.20 25.11
CA GLU B 187 50.75 20.33 24.59
C GLU B 187 50.46 20.62 23.10
N LEU B 188 50.60 19.62 22.21
CA LEU B 188 50.41 19.74 20.73
C LEU B 188 48.91 19.71 20.38
N LEU B 189 48.04 19.49 21.36
CA LEU B 189 46.55 19.44 21.19
C LEU B 189 45.96 20.86 21.35
N LEU B 190 46.46 21.67 22.28
CA LEU B 190 45.99 23.06 22.52
C LEU B 190 46.32 23.90 21.27
N GLN B 191 47.46 23.61 20.62
CA GLN B 191 47.85 24.19 19.31
C GLN B 191 46.78 23.88 18.26
N LYS B 192 46.64 22.59 17.89
CA LYS B 192 45.72 22.07 16.82
C LYS B 192 44.30 22.63 16.99
N ARG B 193 43.76 22.61 18.20
CA ARG B 193 42.35 23.04 18.49
C ARG B 193 42.14 24.45 17.91
N LYS B 194 43.14 25.35 18.03
CA LYS B 194 43.09 26.74 17.49
C LYS B 194 43.71 26.82 16.09
N GLU B 195 44.09 25.67 15.51
CA GLU B 195 44.35 25.55 14.04
C GLU B 195 43.04 25.18 13.34
N LEU B 196 42.32 24.16 13.83
CA LEU B 196 41.02 23.71 13.30
C LEU B 196 40.01 24.86 13.34
N GLN B 197 40.07 25.69 14.39
CA GLN B 197 39.21 26.90 14.51
C GLN B 197 39.68 27.96 13.50
N GLU B 198 40.99 28.15 13.33
CA GLU B 198 41.54 29.12 12.33
C GLU B 198 41.29 28.56 10.92
N ASN B 199 41.26 27.23 10.79
CA ASN B 199 40.75 26.50 9.60
C ASN B 199 39.27 26.87 9.40
N GLN B 200 38.41 26.42 10.32
CA GLN B 200 36.93 26.64 10.27
C GLN B 200 36.63 28.14 10.03
N ASP B 201 37.43 29.04 10.60
CA ASP B 201 37.32 30.53 10.42
C ASP B 201 37.43 30.87 8.93
N GLU B 202 38.44 30.29 8.28
CA GLU B 202 38.74 30.56 6.86
C GLU B 202 37.63 29.92 6.02
N ILE B 203 37.26 28.69 6.36
CA ILE B 203 36.17 27.94 5.65
C ILE B 203 34.90 28.80 5.70
N GLU B 204 34.50 29.26 6.89
CA GLU B 204 33.35 30.16 7.13
C GLU B 204 33.48 31.47 6.32
N ASN B 205 34.68 32.05 6.21
CA ASN B 205 34.89 33.25 5.34
C ASN B 205 34.56 32.86 3.89
N MET B 206 35.13 31.76 3.39
CA MET B 206 34.96 31.33 1.97
C MET B 206 33.46 31.16 1.66
N MET B 207 32.75 30.40 2.49
CA MET B 207 31.28 30.23 2.40
C MET B 207 30.64 31.61 2.38
N ASN B 208 30.82 32.39 3.45
CA ASN B 208 30.21 33.73 3.62
C ASN B 208 30.40 34.58 2.34
N SER B 209 31.56 34.54 1.68
CA SER B 209 31.86 35.34 0.46
C SER B 209 31.06 34.83 -0.74
N ILE B 210 30.91 33.50 -0.90
CA ILE B 210 30.06 32.89 -1.96
C ILE B 210 28.62 33.31 -1.68
N PHE B 211 28.16 33.11 -0.44
CA PHE B 211 26.76 33.36 -0.01
C PHE B 211 26.38 34.82 -0.25
N LYS B 212 27.13 35.75 0.37
CA LYS B 212 26.83 37.20 0.34
C LYS B 212 27.20 37.73 -1.06
N GLY B 213 28.15 37.07 -1.75
CA GLY B 213 28.75 37.54 -3.00
C GLY B 213 28.11 36.96 -4.25
N ILE B 214 27.63 35.71 -4.21
CA ILE B 214 27.01 35.01 -5.38
C ILE B 214 25.55 34.66 -5.09
N PHE B 215 25.26 33.98 -3.94
CA PHE B 215 23.93 33.39 -3.60
C PHE B 215 22.88 34.50 -3.52
N VAL B 216 23.05 35.40 -2.55
CA VAL B 216 22.02 36.37 -2.07
C VAL B 216 21.65 37.37 -3.16
N HIS B 217 22.22 37.24 -4.36
CA HIS B 217 21.84 38.02 -5.57
C HIS B 217 21.15 37.11 -6.59
N ARG B 218 21.68 35.89 -6.78
CA ARG B 218 21.30 34.92 -7.84
C ARG B 218 19.97 34.23 -7.54
N TYR B 219 19.60 34.06 -6.27
CA TYR B 219 18.36 33.33 -5.88
C TYR B 219 17.18 34.13 -6.42
N ARG B 220 17.36 35.46 -6.54
CA ARG B 220 16.37 36.41 -7.12
C ARG B 220 16.60 36.61 -8.62
N ASP B 221 17.41 35.79 -9.28
CA ASP B 221 17.87 36.01 -10.68
C ASP B 221 16.65 36.09 -11.61
N ALA B 222 16.78 36.79 -12.73
CA ALA B 222 15.73 36.94 -13.78
C ALA B 222 15.43 35.59 -14.44
N ILE B 223 16.45 34.73 -14.55
CA ILE B 223 16.34 33.37 -15.15
C ILE B 223 15.90 32.37 -14.08
N ALA B 224 14.86 31.58 -14.41
CA ALA B 224 14.15 30.64 -13.51
C ALA B 224 15.11 29.55 -13.02
N GLU B 225 15.77 28.85 -13.97
CA GLU B 225 16.65 27.71 -13.65
C GLU B 225 17.73 28.18 -12.68
N ILE B 226 18.23 29.41 -12.79
CA ILE B 226 19.25 29.92 -11.83
C ILE B 226 18.64 29.95 -10.42
N ARG B 227 17.41 30.43 -10.26
CA ARG B 227 16.79 30.53 -8.92
C ARG B 227 16.75 29.10 -8.36
N ALA B 228 16.09 28.20 -9.08
CA ALA B 228 16.02 26.75 -8.76
C ALA B 228 17.38 26.24 -8.25
N ILE B 229 18.47 26.57 -8.96
CA ILE B 229 19.83 26.04 -8.65
C ILE B 229 20.21 26.45 -7.23
N CYS B 230 19.94 27.69 -6.85
CA CYS B 230 20.26 28.26 -5.50
C CYS B 230 19.34 27.64 -4.45
N ILE B 231 18.03 27.62 -4.69
CA ILE B 231 17.06 27.07 -3.71
C ILE B 231 17.43 25.61 -3.42
N GLU B 232 17.69 24.80 -4.44
CA GLU B 232 18.06 23.39 -4.19
C GLU B 232 19.26 23.35 -3.26
N GLU B 233 20.23 24.22 -3.49
CA GLU B 233 21.55 24.07 -2.84
C GLU B 233 21.47 24.55 -1.38
N ILE B 234 20.72 25.62 -1.11
CA ILE B 234 20.51 26.10 0.29
C ILE B 234 19.85 24.95 1.04
N GLY B 235 18.89 24.30 0.37
CA GLY B 235 18.19 23.12 0.88
C GLY B 235 19.19 22.09 1.32
N VAL B 236 20.07 21.70 0.39
CA VAL B 236 21.15 20.72 0.66
C VAL B 236 21.95 21.15 1.91
N TRP B 237 22.43 22.41 2.00
CA TRP B 237 23.30 22.88 3.11
C TRP B 237 22.54 22.66 4.43
N MET B 238 21.32 23.17 4.49
CA MET B 238 20.44 23.11 5.69
C MET B 238 20.25 21.66 6.14
N LYS B 239 20.13 20.73 5.18
CA LYS B 239 19.98 19.28 5.44
C LYS B 239 21.27 18.73 6.06
N MET B 240 22.42 18.92 5.38
CA MET B 240 23.71 18.22 5.71
C MET B 240 24.32 18.81 6.99
N TYR B 241 24.32 20.12 7.13
CA TYR B 241 24.95 20.82 8.29
C TYR B 241 23.91 21.71 9.00
N SER B 242 22.96 21.08 9.69
CA SER B 242 21.82 21.73 10.40
C SER B 242 22.34 22.74 11.43
N ASP B 243 23.16 22.26 12.38
CA ASP B 243 23.80 23.04 13.49
C ASP B 243 24.15 24.48 13.05
N ALA B 244 24.72 24.64 11.85
CA ALA B 244 25.18 25.93 11.25
C ALA B 244 24.11 26.53 10.32
N PHE B 245 23.51 25.73 9.45
CA PHE B 245 22.78 26.25 8.27
C PHE B 245 21.27 26.23 8.48
N LEU B 246 20.76 25.37 9.37
CA LEU B 246 19.31 25.35 9.69
C LEU B 246 19.06 26.39 10.77
N ASN B 247 18.69 27.59 10.34
CA ASN B 247 18.26 28.73 11.18
C ASN B 247 17.43 29.68 10.31
N ASP B 248 16.66 30.57 10.93
CA ASP B 248 15.66 31.45 10.27
C ASP B 248 16.36 32.42 9.32
N SER B 249 17.65 32.70 9.53
CA SER B 249 18.47 33.62 8.71
C SER B 249 18.70 33.03 7.31
N TYR B 250 18.86 31.70 7.19
CA TYR B 250 18.91 30.96 5.89
C TYR B 250 17.48 30.62 5.40
N LEU B 251 16.62 30.09 6.29
CA LEU B 251 15.31 29.49 5.92
C LEU B 251 14.50 30.51 5.14
N LYS B 252 14.64 31.78 5.50
CA LYS B 252 13.79 32.85 4.93
C LYS B 252 14.00 32.96 3.41
N TYR B 253 15.15 32.54 2.87
CA TYR B 253 15.46 32.65 1.42
C TYR B 253 14.54 31.69 0.64
N VAL B 254 14.40 30.46 1.15
CA VAL B 254 13.43 29.44 0.64
C VAL B 254 12.01 30.00 0.83
N GLY B 255 11.60 30.25 2.09
CA GLY B 255 10.35 30.97 2.43
C GLY B 255 9.89 31.95 1.34
N TRP B 256 10.72 32.92 0.93
CA TRP B 256 10.27 34.01 0.02
C TRP B 256 10.11 33.44 -1.40
N THR B 257 10.92 32.45 -1.75
CA THR B 257 10.91 31.88 -3.12
C THR B 257 9.68 30.98 -3.31
N LEU B 258 9.00 30.57 -2.23
CA LEU B 258 7.70 29.85 -2.30
C LEU B 258 6.76 30.67 -3.19
N HIS B 259 6.83 32.00 -3.02
CA HIS B 259 6.02 32.99 -3.77
C HIS B 259 6.51 33.09 -5.22
N ASP B 260 7.48 32.30 -5.66
CA ASP B 260 8.09 32.43 -7.01
C ASP B 260 7.03 32.16 -8.08
N ARG B 261 7.05 32.95 -9.15
CA ARG B 261 6.04 32.91 -10.25
C ARG B 261 6.27 31.66 -11.11
N GLN B 262 7.40 30.96 -10.98
CA GLN B 262 7.71 29.78 -11.85
C GLN B 262 7.51 28.46 -11.08
N GLY B 263 7.02 27.45 -11.79
CA GLY B 263 6.52 26.19 -11.22
C GLY B 263 7.67 25.37 -10.68
N GLU B 264 8.61 25.06 -11.59
CA GLU B 264 9.87 24.29 -11.32
C GLU B 264 10.52 24.80 -10.03
N VAL B 265 10.36 26.10 -9.70
CA VAL B 265 11.06 26.77 -8.57
C VAL B 265 10.33 26.45 -7.26
N ARG B 266 9.01 26.67 -7.22
CA ARG B 266 8.17 26.33 -6.05
C ARG B 266 8.45 24.88 -5.70
N LEU B 267 8.51 24.01 -6.71
CA LEU B 267 8.85 22.57 -6.51
C LEU B 267 10.11 22.49 -5.62
N LYS B 268 11.20 23.14 -6.02
CA LYS B 268 12.52 23.00 -5.34
C LYS B 268 12.41 23.53 -3.91
N CYS B 269 11.69 24.63 -3.70
CA CYS B 269 11.43 25.20 -2.34
C CYS B 269 10.81 24.10 -1.46
N LEU B 270 9.72 23.50 -1.91
CA LEU B 270 9.00 22.49 -1.10
C LEU B 270 9.93 21.28 -0.88
N LYS B 271 10.67 20.91 -1.92
CA LYS B 271 11.59 19.75 -1.90
C LYS B 271 12.71 20.03 -0.90
N ALA B 272 13.23 21.27 -0.86
CA ALA B 272 14.18 21.76 0.16
C ALA B 272 13.60 21.62 1.57
N LEU B 273 12.36 22.06 1.77
CA LEU B 273 11.72 22.07 3.11
C LEU B 273 11.35 20.65 3.50
N GLN B 274 10.59 19.94 2.64
CA GLN B 274 10.23 18.51 2.84
C GLN B 274 11.37 17.81 3.59
N SER B 275 12.56 17.75 2.97
CA SER B 275 13.74 16.96 3.44
C SER B 275 14.21 17.43 4.83
N LEU B 276 13.77 18.60 5.30
CA LEU B 276 14.09 19.09 6.66
C LEU B 276 13.03 18.57 7.63
N TYR B 277 11.75 18.72 7.26
CA TYR B 277 10.59 18.38 8.09
C TYR B 277 10.48 16.86 8.23
N THR B 278 11.14 16.11 7.33
CA THR B 278 10.89 14.67 7.07
C THR B 278 11.26 13.82 8.29
N ASN B 279 11.88 14.40 9.32
CA ASN B 279 11.94 13.83 10.69
C ASN B 279 12.99 14.60 11.50
N ARG B 280 13.49 13.97 12.58
CA ARG B 280 14.66 14.39 13.41
C ARG B 280 14.16 15.35 14.50
N GLU B 281 15.03 15.74 15.43
CA GLU B 281 14.75 16.83 16.40
C GLU B 281 14.94 18.16 15.65
N LEU B 282 14.41 18.26 14.43
CA LEU B 282 14.60 19.43 13.53
C LEU B 282 13.40 20.37 13.60
N PHE B 283 12.26 19.90 14.12
CA PHE B 283 11.05 20.74 14.31
C PHE B 283 11.38 21.94 15.19
N PRO B 284 12.04 21.76 16.36
CA PRO B 284 12.47 22.87 17.20
C PRO B 284 13.07 24.09 16.46
N LYS B 285 13.98 23.83 15.52
CA LYS B 285 14.62 24.89 14.68
C LYS B 285 13.66 25.31 13.55
N LEU B 286 12.66 24.48 13.22
CA LEU B 286 11.65 24.76 12.16
C LEU B 286 10.48 25.58 12.73
N GLU B 287 10.32 25.53 14.07
CA GLU B 287 9.17 26.03 14.89
C GLU B 287 8.66 27.41 14.40
N LEU B 288 9.55 28.41 14.35
CA LEU B 288 9.19 29.82 14.05
C LEU B 288 8.97 30.02 12.53
N PHE B 289 9.79 29.37 11.70
CA PHE B 289 9.61 29.38 10.22
C PHE B 289 8.19 28.87 9.92
N THR B 290 7.80 27.77 10.58
CA THR B 290 6.50 27.09 10.33
C THR B 290 5.37 28.09 10.58
N ASN B 291 5.45 28.82 11.71
CA ASN B 291 4.49 29.89 12.13
C ASN B 291 4.51 30.99 11.05
N ARG B 292 5.70 31.48 10.70
CA ARG B 292 5.85 32.65 9.79
C ARG B 292 5.32 32.34 8.39
N PHE B 293 5.35 31.08 7.95
CA PHE B 293 5.13 30.72 6.52
C PHE B 293 4.01 29.70 6.30
N LYS B 294 3.37 29.20 7.37
CA LYS B 294 2.22 28.25 7.23
C LYS B 294 1.26 28.83 6.18
N ASP B 295 0.80 30.07 6.32
CA ASP B 295 -0.29 30.61 5.46
C ASP B 295 0.10 30.42 3.99
N ARG B 296 1.34 30.71 3.61
CA ARG B 296 1.76 30.60 2.19
C ARG B 296 1.85 29.11 1.80
N ILE B 297 2.53 28.29 2.61
CA ILE B 297 2.79 26.84 2.32
C ILE B 297 1.48 26.14 1.93
N VAL B 298 0.49 26.31 2.78
CA VAL B 298 -0.85 25.67 2.68
C VAL B 298 -1.56 26.06 1.37
N SER B 299 -1.43 27.30 0.89
CA SER B 299 -2.12 27.79 -0.34
C SER B 299 -1.62 27.05 -1.58
N MET B 300 -0.49 26.37 -1.43
CA MET B 300 0.19 25.66 -2.52
C MET B 300 -0.31 24.21 -2.60
N THR B 301 -1.10 23.76 -1.60
CA THR B 301 -1.73 22.40 -1.58
C THR B 301 -2.69 22.29 -2.75
N LEU B 302 -3.32 23.41 -3.13
CA LEU B 302 -4.03 23.55 -4.42
C LEU B 302 -3.29 24.57 -5.28
N ASP B 303 -2.06 24.28 -5.69
CA ASP B 303 -1.13 25.27 -6.31
C ASP B 303 -1.66 25.66 -7.68
N LYS B 304 -2.01 24.68 -8.52
CA LYS B 304 -2.34 24.87 -9.97
C LYS B 304 -1.46 23.95 -10.80
N GLU B 305 -0.16 23.99 -10.55
CA GLU B 305 0.77 22.93 -11.03
C GLU B 305 0.46 21.66 -10.22
N TYR B 306 -0.32 20.75 -10.80
CA TYR B 306 -0.39 19.36 -10.30
C TYR B 306 1.04 18.84 -10.32
N ASP B 307 1.75 18.99 -9.20
CA ASP B 307 3.12 18.45 -8.96
C ASP B 307 3.75 19.33 -7.87
N VAL B 308 3.55 20.64 -7.96
CA VAL B 308 3.78 21.58 -6.83
C VAL B 308 2.76 21.21 -5.76
N ALA B 309 1.48 21.27 -6.13
CA ALA B 309 0.34 20.85 -5.31
C ALA B 309 0.71 19.56 -4.57
N VAL B 310 1.15 18.52 -5.29
CA VAL B 310 1.44 17.19 -4.66
C VAL B 310 2.46 17.41 -3.53
N GLU B 311 3.55 18.12 -3.83
CA GLU B 311 4.74 18.27 -2.92
C GLU B 311 4.36 19.12 -1.72
N ALA B 312 3.48 20.12 -1.88
CA ALA B 312 2.96 20.95 -0.77
C ALA B 312 2.10 20.09 0.16
N ILE B 313 1.22 19.25 -0.39
CA ILE B 313 0.39 18.32 0.43
C ILE B 313 1.36 17.39 1.17
N ARG B 314 2.39 16.86 0.52
CA ARG B 314 3.39 16.01 1.24
C ARG B 314 4.02 16.87 2.35
N LEU B 315 4.41 18.11 2.03
CA LEU B 315 5.04 19.04 3.01
C LEU B 315 4.11 19.14 4.22
N VAL B 316 2.89 19.59 3.98
CA VAL B 316 1.86 19.88 5.02
C VAL B 316 1.63 18.61 5.87
N THR B 317 1.55 17.42 5.26
CA THR B 317 1.33 16.15 6.00
C THR B 317 2.53 15.95 6.93
N LEU B 318 3.75 16.08 6.40
CA LEU B 318 4.99 16.01 7.21
C LEU B 318 4.87 17.05 8.34
N ILE B 319 4.44 18.27 7.99
CA ILE B 319 4.33 19.40 8.97
C ILE B 319 3.30 19.02 10.05
N LEU B 320 2.19 18.40 9.66
CA LEU B 320 1.08 18.03 10.59
C LEU B 320 1.60 16.99 11.59
N HIS B 321 2.21 15.90 11.11
CA HIS B 321 2.85 14.86 11.94
C HIS B 321 4.15 15.44 12.54
N GLY B 322 4.07 16.19 13.65
CA GLY B 322 5.21 16.85 14.31
C GLY B 322 5.05 16.92 15.83
N GLY C 4 -49.35 -15.54 12.44
CA GLY C 4 -49.44 -16.89 11.80
C GLY C 4 -48.42 -17.86 12.38
N THR C 5 -47.86 -18.73 11.53
CA THR C 5 -46.93 -19.82 11.94
C THR C 5 -45.51 -19.25 12.10
N LEU C 6 -44.65 -19.94 12.87
CA LEU C 6 -43.23 -19.53 13.15
C LEU C 6 -42.51 -19.25 11.84
N PHE C 7 -42.63 -20.14 10.83
CA PHE C 7 -42.03 -20.01 9.48
C PHE C 7 -42.45 -18.68 8.82
N GLU C 8 -43.76 -18.41 8.79
CA GLU C 8 -44.32 -17.17 8.20
C GLU C 8 -43.64 -15.96 8.87
N VAL C 9 -43.66 -15.93 10.21
CA VAL C 9 -43.13 -14.78 11.01
C VAL C 9 -41.63 -14.59 10.71
N VAL C 10 -40.85 -15.67 10.73
CA VAL C 10 -39.39 -15.63 10.47
C VAL C 10 -39.21 -15.07 9.06
N LYS C 11 -39.98 -15.59 8.11
CA LYS C 11 -39.93 -15.21 6.67
C LYS C 11 -40.16 -13.70 6.58
N LEU C 12 -41.33 -13.27 7.03
CA LEU C 12 -41.81 -11.87 6.99
C LEU C 12 -40.75 -10.94 7.61
N GLY C 13 -40.29 -11.26 8.83
CA GLY C 13 -39.07 -10.70 9.45
C GLY C 13 -39.19 -9.25 9.86
N LYS C 14 -40.41 -8.82 10.22
CA LYS C 14 -40.66 -7.42 10.60
C LYS C 14 -40.15 -7.20 12.01
N SER C 15 -39.62 -6.02 12.29
CA SER C 15 -39.08 -5.69 13.64
C SER C 15 -40.21 -5.13 14.51
N ALA C 16 -39.91 -4.82 15.76
CA ALA C 16 -40.96 -4.26 16.65
C ALA C 16 -41.46 -2.96 16.01
N MET C 17 -40.54 -2.03 15.73
CA MET C 17 -40.87 -0.72 15.12
C MET C 17 -41.60 -0.94 13.80
N GLN C 18 -41.15 -1.87 12.97
CA GLN C 18 -41.83 -2.17 11.69
C GLN C 18 -43.28 -2.55 11.98
N SER C 19 -43.51 -3.39 12.99
CA SER C 19 -44.91 -3.78 13.34
C SER C 19 -45.70 -2.57 13.86
N VAL C 20 -45.20 -1.94 14.92
CA VAL C 20 -45.95 -0.84 15.60
C VAL C 20 -46.31 0.24 14.57
N VAL C 21 -45.47 0.48 13.56
CA VAL C 21 -45.75 1.42 12.44
C VAL C 21 -46.88 0.85 11.58
N ASP C 22 -46.80 -0.43 11.20
CA ASP C 22 -47.90 -1.09 10.44
C ASP C 22 -49.20 -0.97 11.24
N ASP C 23 -49.16 -1.11 12.57
CA ASP C 23 -50.33 -0.90 13.46
C ASP C 23 -50.79 0.55 13.33
N TRP C 24 -49.93 1.52 13.67
CA TRP C 24 -50.19 2.99 13.62
C TRP C 24 -50.83 3.37 12.27
N ILE C 25 -50.31 2.89 11.14
CA ILE C 25 -50.91 3.17 9.81
C ILE C 25 -52.36 2.68 9.80
N GLU C 26 -52.67 1.55 10.45
CA GLU C 26 -54.09 1.09 10.59
C GLU C 26 -54.82 2.13 11.45
N SER C 27 -54.39 2.29 12.71
CA SER C 27 -54.86 3.29 13.72
C SER C 27 -55.27 4.61 13.05
N TYR C 28 -54.63 4.97 11.94
CA TYR C 28 -54.69 6.31 11.30
C TYR C 28 -55.85 6.33 10.29
N LYS C 29 -55.91 5.33 9.41
CA LYS C 29 -57.03 5.17 8.45
C LYS C 29 -58.33 4.96 9.22
N GLN C 30 -58.28 4.44 10.46
CA GLN C 30 -59.43 4.44 11.41
C GLN C 30 -59.72 5.92 11.72
N ASP C 31 -59.10 6.47 12.78
CA ASP C 31 -59.29 7.87 13.22
C ASP C 31 -57.92 8.58 13.20
N ARG C 32 -57.73 9.52 12.26
CA ARG C 32 -56.49 10.30 12.03
C ARG C 32 -56.04 10.94 13.34
N ASP C 33 -56.98 11.42 14.14
CA ASP C 33 -56.72 12.35 15.25
C ASP C 33 -56.12 11.57 16.44
N ILE C 34 -56.69 10.42 16.79
CA ILE C 34 -56.16 9.63 17.96
C ILE C 34 -54.74 9.16 17.61
N ALA C 35 -54.51 8.83 16.32
CA ALA C 35 -53.22 8.32 15.78
C ALA C 35 -52.13 9.42 15.87
N LEU C 36 -52.30 10.56 15.18
CA LEU C 36 -51.41 11.75 15.31
C LEU C 36 -51.25 12.12 16.79
N LEU C 37 -52.32 12.05 17.58
CA LEU C 37 -52.18 12.32 19.03
C LEU C 37 -51.07 11.41 19.58
N ASP C 38 -51.20 10.08 19.39
CA ASP C 38 -50.20 9.05 19.81
C ASP C 38 -48.81 9.38 19.23
N LEU C 39 -48.73 9.82 17.98
CA LEU C 39 -47.45 10.22 17.34
C LEU C 39 -46.91 11.44 18.10
N ILE C 40 -47.75 12.47 18.30
CA ILE C 40 -47.39 13.72 19.04
C ILE C 40 -46.78 13.29 20.39
N ASN C 41 -47.48 12.41 21.10
CA ASN C 41 -47.08 11.98 22.46
C ASN C 41 -45.77 11.19 22.38
N PHE C 42 -45.57 10.45 21.29
CA PHE C 42 -44.30 9.72 21.03
C PHE C 42 -43.14 10.73 20.99
N PHE C 43 -43.23 11.71 20.10
CA PHE C 43 -42.17 12.75 19.88
C PHE C 43 -41.93 13.59 21.13
N ILE C 44 -42.98 13.82 21.94
CA ILE C 44 -42.91 14.55 23.24
C ILE C 44 -42.16 13.67 24.26
N GLN C 45 -42.45 12.38 24.33
CA GLN C 45 -41.81 11.45 25.31
C GLN C 45 -40.34 11.21 24.95
N CYS C 46 -40.02 11.18 23.65
CA CYS C 46 -38.64 11.14 23.09
C CYS C 46 -37.87 12.41 23.52
N SER C 47 -38.54 13.57 23.53
CA SER C 47 -37.94 14.90 23.86
C SER C 47 -37.50 14.96 25.33
N GLY C 48 -37.94 14.02 26.18
CA GLY C 48 -37.71 14.06 27.64
C GLY C 48 -39.02 14.34 28.39
N CYS C 49 -39.83 15.29 27.92
CA CYS C 49 -41.06 15.73 28.64
C CYS C 49 -41.92 14.52 29.00
N ARG C 50 -42.53 14.54 30.19
CA ARG C 50 -43.47 13.50 30.71
C ARG C 50 -44.85 13.73 30.10
N GLY C 51 -44.96 13.63 28.78
CA GLY C 51 -46.05 14.25 28.01
C GLY C 51 -47.21 13.30 27.81
N THR C 52 -48.42 13.80 28.04
CA THR C 52 -49.68 13.08 27.71
C THR C 52 -50.72 14.13 27.34
N VAL C 53 -50.74 14.52 26.07
CA VAL C 53 -51.81 15.35 25.42
C VAL C 53 -53.04 14.46 25.17
N ARG C 54 -54.26 14.85 25.62
CA ARG C 54 -55.53 14.11 25.36
C ARG C 54 -56.26 14.71 24.14
N ILE C 55 -57.22 13.98 23.55
CA ILE C 55 -57.82 14.35 22.23
C ILE C 55 -58.59 15.67 22.35
N GLU C 56 -59.05 16.05 23.55
CA GLU C 56 -59.85 17.29 23.73
C GLU C 56 -58.91 18.48 23.57
N MET C 57 -57.71 18.41 24.15
CA MET C 57 -56.70 19.50 24.06
C MET C 57 -55.92 19.39 22.74
N PHE C 58 -56.05 18.28 22.00
CA PHE C 58 -55.47 18.13 20.64
C PHE C 58 -56.32 18.92 19.65
N ARG C 59 -57.66 18.78 19.75
CA ARG C 59 -58.66 19.36 18.82
C ARG C 59 -58.83 20.86 19.13
N ASN C 60 -58.68 21.23 20.42
CA ASN C 60 -59.16 22.53 20.97
C ASN C 60 -58.03 23.27 21.74
N MET C 61 -56.86 23.49 21.13
CA MET C 61 -55.78 24.31 21.76
C MET C 61 -54.91 24.91 20.67
N GLN C 62 -54.77 26.24 20.65
CA GLN C 62 -53.83 26.95 19.73
C GLN C 62 -52.45 26.33 19.98
N ASN C 63 -51.76 25.87 18.91
CA ASN C 63 -50.61 24.92 18.95
C ASN C 63 -49.52 25.40 19.93
N ALA C 64 -49.16 26.69 19.88
CA ALA C 64 -48.09 27.33 20.70
C ALA C 64 -48.20 26.92 22.18
N GLU C 65 -49.43 26.75 22.67
CA GLU C 65 -49.78 26.51 24.11
C GLU C 65 -49.12 25.21 24.58
N ILE C 66 -49.47 24.11 23.93
CA ILE C 66 -49.13 22.71 24.35
C ILE C 66 -47.61 22.58 24.46
N ILE C 67 -46.85 23.35 23.68
CA ILE C 67 -45.40 23.55 23.94
C ILE C 67 -45.22 24.31 25.27
N ARG C 68 -45.94 25.43 25.51
CA ARG C 68 -45.94 26.14 26.82
C ARG C 68 -46.17 25.07 27.91
N LYS C 69 -47.15 24.20 27.72
CA LYS C 69 -47.62 23.20 28.72
C LYS C 69 -46.48 22.20 28.98
N MET C 70 -46.04 21.51 27.94
CA MET C 70 -44.78 20.71 27.91
C MET C 70 -43.62 21.41 28.63
N THR C 71 -43.20 22.61 28.17
CA THR C 71 -42.02 23.35 28.67
C THR C 71 -42.06 23.41 30.21
N GLU C 72 -43.25 23.67 30.79
CA GLU C 72 -43.46 23.81 32.26
C GLU C 72 -43.10 22.50 32.99
N GLU C 73 -43.34 21.34 32.36
CA GLU C 73 -43.30 19.98 32.99
C GLU C 73 -41.91 19.59 33.50
N PHE C 74 -40.85 20.26 33.05
CA PHE C 74 -39.48 20.15 33.63
C PHE C 74 -39.36 21.10 34.83
N TYR C 81 -32.22 13.78 29.29
CA TYR C 81 -33.23 13.43 28.23
C TYR C 81 -32.71 12.34 27.28
N PRO C 82 -33.58 11.46 26.72
CA PRO C 82 -33.17 10.19 26.11
C PRO C 82 -31.97 10.19 25.14
N LEU C 83 -31.91 11.16 24.23
CA LEU C 83 -30.83 11.24 23.20
C LEU C 83 -29.45 11.36 23.85
N THR C 84 -29.38 11.56 25.18
CA THR C 84 -28.13 11.69 25.97
C THR C 84 -28.25 10.99 27.35
N MET C 85 -29.43 10.51 27.77
CA MET C 85 -29.59 9.78 29.06
C MET C 85 -28.62 8.59 29.04
N PRO C 86 -27.82 8.40 30.11
CA PRO C 86 -26.87 7.29 30.15
C PRO C 86 -27.60 6.01 30.58
N GLY C 87 -26.87 4.94 30.85
CA GLY C 87 -27.44 3.65 31.29
C GLY C 87 -27.60 2.70 30.11
N PRO C 88 -27.80 1.39 30.37
CA PRO C 88 -27.86 0.42 29.27
C PRO C 88 -29.09 0.64 28.37
N GLN C 89 -30.25 0.98 28.94
CA GLN C 89 -31.59 0.89 28.27
C GLN C 89 -31.84 2.12 27.36
N TRP C 90 -30.97 3.15 27.40
CA TRP C 90 -31.04 4.37 26.53
C TRP C 90 -29.92 4.35 25.49
N LYS C 91 -29.10 3.29 25.47
CA LYS C 91 -27.84 3.28 24.67
C LYS C 91 -28.22 3.19 23.18
N LYS C 92 -29.18 2.33 22.85
CA LYS C 92 -29.64 2.06 21.46
C LYS C 92 -30.58 3.15 20.92
N PHE C 93 -31.02 4.09 21.77
CA PHE C 93 -32.19 4.98 21.51
C PHE C 93 -31.96 5.79 20.23
N ARG C 94 -30.84 6.52 20.16
CA ARG C 94 -30.59 7.48 19.05
C ARG C 94 -30.77 6.77 17.70
N SER C 95 -30.19 5.59 17.56
CA SER C 95 -30.29 4.76 16.33
C SER C 95 -31.77 4.46 16.08
N ASN C 96 -32.44 3.94 17.11
CA ASN C 96 -33.83 3.40 17.02
C ASN C 96 -34.75 4.54 16.56
N PHE C 97 -34.66 5.68 17.25
CA PHE C 97 -35.38 6.94 16.95
C PHE C 97 -35.28 7.23 15.46
N CYS C 98 -34.06 7.26 14.93
CA CYS C 98 -33.84 7.58 13.50
C CYS C 98 -34.46 6.44 12.66
N GLU C 99 -34.20 5.18 13.02
CA GLU C 99 -34.71 4.03 12.21
C GLU C 99 -36.24 4.17 12.14
N PHE C 100 -36.89 4.52 13.24
CA PHE C 100 -38.37 4.64 13.31
C PHE C 100 -38.85 5.65 12.28
N ILE C 101 -38.28 6.85 12.32
CA ILE C 101 -38.73 7.97 11.44
C ILE C 101 -38.63 7.49 9.99
N GLY C 102 -37.54 6.78 9.67
CA GLY C 102 -37.31 6.18 8.34
C GLY C 102 -38.42 5.20 7.99
N VAL C 103 -38.79 4.33 8.93
CA VAL C 103 -39.81 3.28 8.68
C VAL C 103 -41.14 4.00 8.42
N LEU C 104 -41.58 4.79 9.39
CA LEU C 104 -42.87 5.50 9.37
C LEU C 104 -43.05 6.20 8.02
N ILE C 105 -42.02 6.85 7.48
CA ILE C 105 -42.19 7.64 6.23
C ILE C 105 -42.22 6.65 5.07
N ARG C 106 -41.31 5.68 5.06
CA ARG C 106 -41.22 4.64 3.98
C ARG C 106 -42.59 3.96 3.85
N GLN C 107 -43.16 3.49 4.94
CA GLN C 107 -44.47 2.79 4.94
C GLN C 107 -45.59 3.78 4.54
N CYS C 108 -45.56 5.03 5.00
CA CYS C 108 -46.63 6.02 4.67
C CYS C 108 -46.46 6.60 3.25
N GLN C 109 -45.39 6.28 2.52
CA GLN C 109 -44.90 7.09 1.38
C GLN C 109 -45.86 7.06 0.16
N TYR C 110 -46.87 6.18 0.14
CA TYR C 110 -47.68 5.89 -1.09
C TYR C 110 -49.11 6.45 -1.03
N SER C 111 -49.64 6.83 0.13
CA SER C 111 -50.82 7.74 0.19
C SER C 111 -50.75 8.65 1.42
N ILE C 112 -50.70 8.12 2.64
CA ILE C 112 -50.84 8.88 3.92
C ILE C 112 -49.94 10.13 3.92
N ILE C 113 -48.78 10.10 3.25
CA ILE C 113 -47.78 11.22 3.20
C ILE C 113 -48.44 12.44 2.52
N TYR C 114 -49.29 12.18 1.53
CA TYR C 114 -49.87 13.19 0.60
C TYR C 114 -51.19 13.75 1.13
N ASP C 115 -51.92 13.03 1.99
CA ASP C 115 -53.04 13.64 2.74
C ASP C 115 -52.46 14.87 3.45
N GLU C 116 -53.15 16.00 3.44
CA GLU C 116 -52.53 17.31 3.78
C GLU C 116 -52.60 17.50 5.31
N TYR C 117 -52.70 16.41 6.09
CA TYR C 117 -52.98 16.46 7.55
C TYR C 117 -51.83 15.78 8.33
N MET C 118 -51.33 14.63 7.87
CA MET C 118 -50.34 13.79 8.61
C MET C 118 -49.01 14.53 8.77
N MET C 119 -48.53 15.16 7.69
CA MET C 119 -47.16 15.71 7.61
C MET C 119 -47.12 17.17 8.08
N ASP C 120 -48.12 17.97 7.69
CA ASP C 120 -48.29 19.37 8.17
C ASP C 120 -48.29 19.35 9.70
N THR C 121 -48.96 18.38 10.31
CA THR C 121 -48.98 18.19 11.79
C THR C 121 -47.56 17.90 12.31
N VAL C 122 -46.90 16.88 11.76
CA VAL C 122 -45.59 16.38 12.29
C VAL C 122 -44.57 17.51 12.14
N ILE C 123 -44.47 18.13 10.95
CA ILE C 123 -43.50 19.22 10.68
C ILE C 123 -43.81 20.40 11.61
N SER C 124 -45.09 20.61 11.94
CA SER C 124 -45.52 21.75 12.80
C SER C 124 -44.98 21.54 14.22
N LEU C 125 -45.27 20.37 14.81
CA LEU C 125 -44.75 19.97 16.14
C LEU C 125 -43.24 20.17 16.19
N LEU C 126 -42.55 19.67 15.17
CA LEU C 126 -41.07 19.75 15.09
C LEU C 126 -40.65 21.21 14.92
N THR C 127 -41.28 21.95 14.00
CA THR C 127 -40.89 23.36 13.76
C THR C 127 -41.04 24.10 15.10
N GLY C 128 -42.10 23.83 15.84
CA GLY C 128 -42.40 24.46 17.14
C GLY C 128 -41.42 24.04 18.22
N LEU C 129 -41.13 22.74 18.35
CA LEU C 129 -40.16 22.22 19.34
C LEU C 129 -38.74 22.70 19.00
N SER C 130 -38.44 22.93 17.72
CA SER C 130 -37.09 23.33 17.27
C SER C 130 -36.80 24.75 17.77
N ASP C 131 -37.83 25.50 18.16
CA ASP C 131 -37.68 26.90 18.66
C ASP C 131 -37.54 26.92 20.17
N SER C 132 -38.05 25.92 20.87
CA SER C 132 -38.09 25.90 22.36
C SER C 132 -36.69 26.14 22.94
N GLN C 133 -36.63 26.94 24.02
CA GLN C 133 -35.41 27.31 24.81
C GLN C 133 -34.89 26.09 25.57
N VAL C 134 -35.67 25.00 25.66
CA VAL C 134 -35.21 23.73 26.31
C VAL C 134 -34.40 22.94 25.28
N ARG C 135 -33.24 22.43 25.70
CA ARG C 135 -32.25 21.77 24.80
C ARG C 135 -32.87 20.44 24.34
N ALA C 136 -33.36 19.67 25.30
CA ALA C 136 -34.00 18.35 25.11
C ALA C 136 -34.98 18.36 23.94
N PHE C 137 -35.90 19.34 23.89
CA PHE C 137 -36.83 19.57 22.75
C PHE C 137 -36.05 19.99 21.51
N ARG C 138 -35.15 20.96 21.64
CA ARG C 138 -34.46 21.52 20.45
C ARG C 138 -33.65 20.39 19.81
N HIS C 139 -32.89 19.64 20.61
CA HIS C 139 -32.04 18.51 20.18
C HIS C 139 -32.86 17.44 19.42
N THR C 140 -33.96 16.92 20.02
CA THR C 140 -34.73 15.73 19.51
C THR C 140 -35.60 16.11 18.31
N SER C 141 -36.24 17.26 18.35
CA SER C 141 -37.04 17.80 17.23
C SER C 141 -36.12 17.98 16.01
N THR C 142 -34.92 18.54 16.19
CA THR C 142 -33.98 18.86 15.09
C THR C 142 -33.46 17.56 14.49
N LEU C 143 -33.10 16.60 15.35
CA LEU C 143 -32.60 15.27 14.92
C LEU C 143 -33.68 14.63 14.03
N ALA C 144 -34.93 14.59 14.53
CA ALA C 144 -36.10 13.99 13.85
C ALA C 144 -36.37 14.69 12.51
N ALA C 145 -36.22 16.01 12.48
CA ALA C 145 -36.54 16.88 11.34
C ALA C 145 -35.55 16.56 10.24
N MET C 146 -34.29 16.42 10.65
CA MET C 146 -33.14 16.15 9.74
C MET C 146 -33.27 14.73 9.20
N LYS C 147 -33.72 13.77 10.03
CA LYS C 147 -33.94 12.36 9.60
C LYS C 147 -35.18 12.31 8.69
N LEU C 148 -36.26 12.96 9.11
CA LEU C 148 -37.50 13.11 8.31
C LEU C 148 -37.17 13.67 6.92
N MET C 149 -36.45 14.79 6.89
CA MET C 149 -36.00 15.43 5.64
C MET C 149 -35.36 14.37 4.72
N THR C 150 -34.44 13.56 5.24
CA THR C 150 -33.74 12.49 4.48
C THR C 150 -34.77 11.45 3.99
N ALA C 151 -35.73 11.06 4.83
CA ALA C 151 -36.74 10.03 4.50
C ALA C 151 -37.59 10.52 3.32
N LEU C 152 -37.86 11.83 3.29
CA LEU C 152 -38.60 12.49 2.19
C LEU C 152 -37.71 12.57 0.97
N VAL C 153 -36.39 12.70 1.16
CA VAL C 153 -35.43 12.69 0.01
C VAL C 153 -35.53 11.33 -0.69
N ASN C 154 -35.68 10.23 0.05
CA ASN C 154 -35.83 8.88 -0.56
C ASN C 154 -37.21 8.80 -1.19
N VAL C 155 -38.23 9.31 -0.52
CA VAL C 155 -39.56 9.36 -1.17
C VAL C 155 -39.37 10.03 -2.54
N ALA C 156 -38.63 11.15 -2.59
CA ALA C 156 -38.46 11.96 -3.82
C ALA C 156 -37.69 11.15 -4.85
N LEU C 157 -36.72 10.38 -4.37
CA LEU C 157 -35.80 9.53 -5.17
C LEU C 157 -36.57 8.36 -5.79
N ASN C 158 -37.46 7.70 -5.03
CA ASN C 158 -38.41 6.68 -5.52
C ASN C 158 -39.26 7.27 -6.65
N LEU C 159 -39.77 8.48 -6.47
CA LEU C 159 -40.65 9.14 -7.48
C LEU C 159 -39.86 9.37 -8.77
N SER C 160 -38.58 9.71 -8.68
CA SER C 160 -37.71 10.03 -9.86
C SER C 160 -37.33 8.74 -10.61
N ILE C 161 -37.42 7.57 -10.00
CA ILE C 161 -37.18 6.26 -10.71
C ILE C 161 -38.46 5.94 -11.48
N HIS C 162 -39.61 6.18 -10.86
CA HIS C 162 -40.95 6.06 -11.48
C HIS C 162 -41.07 7.04 -12.65
N GLN C 163 -40.47 8.25 -12.52
CA GLN C 163 -40.53 9.34 -13.54
C GLN C 163 -39.69 8.99 -14.77
N ASP C 164 -38.72 8.08 -14.64
CA ASP C 164 -37.95 7.54 -15.79
C ASP C 164 -38.70 6.31 -16.30
N ASN C 165 -39.12 5.43 -15.39
CA ASN C 165 -39.92 4.21 -15.69
C ASN C 165 -41.26 4.61 -16.34
N THR C 166 -41.55 5.91 -16.44
CA THR C 166 -42.77 6.46 -17.11
C THR C 166 -42.33 7.14 -18.40
N GLN C 167 -41.33 8.04 -18.37
CA GLN C 167 -40.76 8.72 -19.57
C GLN C 167 -40.24 7.68 -20.58
N ARG C 168 -39.76 6.51 -20.11
CA ARG C 168 -39.24 5.43 -21.01
C ARG C 168 -40.37 4.47 -21.39
N GLN C 169 -41.47 4.43 -20.64
CA GLN C 169 -42.72 3.74 -21.05
C GLN C 169 -43.42 4.53 -22.17
N TYR C 170 -43.14 5.84 -22.28
CA TYR C 170 -43.56 6.71 -23.41
C TYR C 170 -42.88 6.22 -24.70
N GLU C 171 -41.55 6.05 -24.67
CA GLU C 171 -40.76 5.40 -25.76
C GLU C 171 -41.08 3.89 -25.77
N GLU C 187 -51.02 7.00 -23.99
CA GLU C 187 -52.15 7.88 -23.58
C GLU C 187 -52.27 7.92 -22.05
N LEU C 188 -52.30 6.75 -21.39
CA LEU C 188 -52.37 6.58 -19.90
C LEU C 188 -51.07 7.14 -19.27
N LEU C 189 -49.94 7.00 -19.97
CA LEU C 189 -48.57 7.32 -19.48
C LEU C 189 -48.41 8.84 -19.31
N LEU C 190 -48.96 9.67 -20.20
CA LEU C 190 -48.94 11.15 -20.05
C LEU C 190 -49.60 11.50 -18.71
N GLN C 191 -50.66 10.78 -18.31
CA GLN C 191 -51.41 11.06 -17.05
C GLN C 191 -50.57 10.62 -15.83
N LYS C 192 -49.93 9.45 -15.88
CA LYS C 192 -49.02 8.95 -14.81
C LYS C 192 -47.89 9.95 -14.57
N ARG C 193 -47.24 10.45 -15.64
CA ARG C 193 -46.20 11.50 -15.59
C ARG C 193 -46.70 12.65 -14.70
N LYS C 194 -47.93 13.12 -14.89
CA LYS C 194 -48.47 14.35 -14.22
C LYS C 194 -48.75 14.06 -12.74
N GLU C 195 -49.29 12.88 -12.40
CA GLU C 195 -49.53 12.46 -10.99
C GLU C 195 -48.19 12.43 -10.22
N LEU C 196 -47.17 11.77 -10.77
CA LEU C 196 -45.83 11.71 -10.15
C LEU C 196 -45.34 13.14 -9.88
N GLN C 197 -45.45 14.03 -10.87
CA GLN C 197 -44.94 15.43 -10.74
C GLN C 197 -45.72 16.20 -9.67
N GLU C 198 -47.03 16.00 -9.53
CA GLU C 198 -47.84 16.68 -8.47
C GLU C 198 -47.44 16.16 -7.08
N ASN C 199 -47.05 14.88 -7.00
CA ASN C 199 -46.51 14.25 -5.77
C ASN C 199 -45.17 14.91 -5.45
N GLN C 200 -44.27 14.96 -6.43
CA GLN C 200 -42.91 15.51 -6.25
C GLN C 200 -43.09 16.86 -5.53
N ASP C 201 -43.92 17.72 -6.11
CA ASP C 201 -44.19 19.09 -5.61
C ASP C 201 -44.59 19.04 -4.13
N GLU C 202 -45.50 18.14 -3.74
CA GLU C 202 -45.98 17.98 -2.34
C GLU C 202 -44.79 17.64 -1.41
N ILE C 203 -43.96 16.67 -1.81
CA ILE C 203 -42.70 16.31 -1.10
C ILE C 203 -41.81 17.55 -0.97
N GLU C 204 -41.53 18.26 -2.08
CA GLU C 204 -40.65 19.46 -2.09
C GLU C 204 -41.13 20.46 -1.03
N ASN C 205 -42.44 20.72 -0.97
CA ASN C 205 -43.05 21.58 0.07
C ASN C 205 -42.62 21.11 1.46
N MET C 206 -42.84 19.83 1.78
CA MET C 206 -42.56 19.25 3.12
C MET C 206 -41.07 19.42 3.42
N MET C 207 -40.23 19.30 2.39
CA MET C 207 -38.77 19.55 2.47
C MET C 207 -38.52 21.04 2.72
N ASN C 208 -39.06 21.88 1.83
CA ASN C 208 -38.90 23.35 1.94
C ASN C 208 -39.41 23.81 3.31
N SER C 209 -40.45 23.18 3.84
CA SER C 209 -41.06 23.59 5.13
C SER C 209 -40.11 23.23 6.30
N ILE C 210 -39.52 22.03 6.29
CA ILE C 210 -38.46 21.61 7.26
C ILE C 210 -37.26 22.52 7.04
N PHE C 211 -36.83 22.70 5.79
CA PHE C 211 -35.52 23.31 5.46
C PHE C 211 -35.52 24.74 5.97
N LYS C 212 -36.53 25.51 5.59
CA LYS C 212 -36.63 26.97 5.89
C LYS C 212 -36.99 27.11 7.38
N GLY C 213 -37.87 26.29 7.93
CA GLY C 213 -38.40 26.44 9.31
C GLY C 213 -37.48 25.93 10.41
N ILE C 214 -36.71 24.86 10.14
CA ILE C 214 -35.85 24.16 11.14
C ILE C 214 -34.38 24.35 10.73
N PHE C 215 -33.99 23.87 9.54
CA PHE C 215 -32.55 23.77 9.17
C PHE C 215 -31.83 25.10 9.43
N VAL C 216 -32.26 26.15 8.73
CA VAL C 216 -31.51 27.43 8.60
C VAL C 216 -31.41 28.11 9.97
N HIS C 217 -32.39 27.92 10.85
CA HIS C 217 -32.32 28.40 12.26
C HIS C 217 -31.38 27.48 13.06
N ARG C 218 -31.55 26.16 12.92
CA ARG C 218 -30.89 25.13 13.75
C ARG C 218 -29.40 24.98 13.41
N TYR C 219 -28.94 25.25 12.18
CA TYR C 219 -27.53 24.94 11.82
C TYR C 219 -26.59 25.90 12.56
N ARG C 220 -27.07 27.13 12.86
CA ARG C 220 -26.36 28.17 13.67
C ARG C 220 -26.71 28.02 15.17
N ASP C 221 -27.27 26.87 15.60
CA ASP C 221 -27.78 26.68 16.98
C ASP C 221 -26.66 26.98 17.95
N ALA C 222 -26.98 27.34 19.20
CA ALA C 222 -26.03 27.62 20.30
C ALA C 222 -25.19 26.37 20.58
N ILE C 223 -25.84 25.21 20.66
CA ILE C 223 -25.26 23.89 21.04
C ILE C 223 -24.59 23.26 19.81
N ALA C 224 -23.37 22.75 19.99
CA ALA C 224 -22.49 22.19 18.93
C ALA C 224 -23.10 20.94 18.31
N GLU C 225 -23.59 19.99 19.12
CA GLU C 225 -24.12 18.67 18.63
C GLU C 225 -25.29 18.91 17.65
N ILE C 226 -26.04 20.01 17.81
CA ILE C 226 -27.20 20.39 16.94
C ILE C 226 -26.68 20.93 15.59
N ARG C 227 -25.66 21.78 15.60
CA ARG C 227 -25.04 22.31 14.35
C ARG C 227 -24.49 21.12 13.56
N ALA C 228 -23.85 20.15 14.24
CA ALA C 228 -23.28 18.90 13.69
C ALA C 228 -24.40 18.08 13.03
N ILE C 229 -25.51 17.90 13.75
CA ILE C 229 -26.67 17.13 13.23
C ILE C 229 -27.13 17.72 11.89
N CYS C 230 -27.12 19.04 11.77
CA CYS C 230 -27.66 19.71 10.56
C CYS C 230 -26.67 19.56 9.41
N ILE C 231 -25.38 19.71 9.68
CA ILE C 231 -24.33 19.70 8.61
C ILE C 231 -24.26 18.29 8.05
N GLU C 232 -24.15 17.29 8.92
CA GLU C 232 -23.97 15.87 8.51
C GLU C 232 -25.05 15.56 7.47
N GLU C 233 -26.30 15.93 7.76
CA GLU C 233 -27.48 15.46 6.99
C GLU C 233 -27.58 16.23 5.67
N ILE C 234 -27.27 17.53 5.63
CA ILE C 234 -27.29 18.27 4.34
C ILE C 234 -26.18 17.69 3.44
N GLY C 235 -25.14 17.11 4.05
CA GLY C 235 -24.12 16.35 3.33
C GLY C 235 -24.75 15.14 2.66
N VAL C 236 -25.65 14.48 3.41
CA VAL C 236 -26.44 13.30 2.98
C VAL C 236 -27.34 13.71 1.80
N TRP C 237 -28.08 14.83 1.89
CA TRP C 237 -29.08 15.20 0.84
C TRP C 237 -28.36 15.58 -0.45
N MET C 238 -27.21 16.23 -0.35
CA MET C 238 -26.40 16.64 -1.53
C MET C 238 -25.75 15.42 -2.16
N LYS C 239 -25.46 14.37 -1.39
CA LYS C 239 -24.86 13.14 -1.97
C LYS C 239 -25.96 12.31 -2.61
N MET C 240 -27.06 12.01 -1.89
CA MET C 240 -28.05 10.95 -2.28
C MET C 240 -28.97 11.43 -3.41
N TYR C 241 -29.28 12.72 -3.48
CA TYR C 241 -30.11 13.35 -4.54
C TYR C 241 -29.37 14.59 -5.04
N SER C 242 -28.18 14.39 -5.63
CA SER C 242 -27.25 15.46 -6.08
C SER C 242 -28.02 16.46 -6.98
N ASP C 243 -28.67 15.98 -8.04
CA ASP C 243 -29.36 16.81 -9.06
C ASP C 243 -30.17 17.94 -8.39
N ALA C 244 -30.89 17.63 -7.31
CA ALA C 244 -31.81 18.56 -6.61
C ALA C 244 -31.05 19.46 -5.63
N PHE C 245 -30.17 18.87 -4.81
CA PHE C 245 -29.61 19.49 -3.58
C PHE C 245 -28.16 19.94 -3.74
N LEU C 246 -27.41 19.34 -4.67
CA LEU C 246 -25.98 19.71 -4.91
C LEU C 246 -25.94 20.88 -5.88
N ASN C 247 -26.12 22.08 -5.34
CA ASN C 247 -25.98 23.39 -6.03
C ASN C 247 -25.61 24.43 -4.97
N ASP C 248 -25.52 25.70 -5.35
CA ASP C 248 -24.78 26.72 -4.54
C ASP C 248 -25.65 27.18 -3.35
N SER C 249 -26.97 27.19 -3.52
CA SER C 249 -27.96 27.58 -2.50
C SER C 249 -27.81 26.73 -1.21
N TYR C 250 -27.47 25.44 -1.36
CA TYR C 250 -27.32 24.46 -0.25
C TYR C 250 -25.85 24.46 0.22
N LEU C 251 -24.90 24.34 -0.71
CA LEU C 251 -23.45 24.19 -0.40
C LEU C 251 -23.01 25.31 0.56
N LYS C 252 -23.42 26.54 0.26
CA LYS C 252 -22.99 27.74 1.01
C LYS C 252 -23.12 27.51 2.52
N TYR C 253 -24.07 26.67 2.97
CA TYR C 253 -24.29 26.40 4.42
C TYR C 253 -23.13 25.60 5.01
N VAL C 254 -22.68 24.57 4.27
CA VAL C 254 -21.54 23.69 4.67
C VAL C 254 -20.32 24.60 4.81
N GLY C 255 -20.13 25.47 3.82
CA GLY C 255 -19.04 26.47 3.73
C GLY C 255 -19.01 27.42 4.91
N TRP C 256 -20.04 28.24 5.10
CA TRP C 256 -20.10 29.21 6.22
C TRP C 256 -19.60 28.47 7.47
N THR C 257 -20.09 27.26 7.71
CA THR C 257 -19.83 26.51 8.97
C THR C 257 -18.38 25.99 9.01
N LEU C 258 -17.65 25.97 7.88
CA LEU C 258 -16.20 25.56 7.88
C LEU C 258 -15.51 26.36 9.01
N HIS C 259 -15.88 27.63 9.15
CA HIS C 259 -15.36 28.58 10.17
C HIS C 259 -15.90 28.25 11.58
N ASP C 260 -16.35 27.02 11.88
CA ASP C 260 -17.11 26.83 13.15
C ASP C 260 -16.13 26.84 14.32
N ARG C 261 -16.62 27.32 15.47
CA ARG C 261 -15.92 27.30 16.78
C ARG C 261 -15.40 25.89 17.09
N GLN C 262 -16.16 24.83 16.80
CA GLN C 262 -15.95 23.48 17.42
C GLN C 262 -15.38 22.46 16.43
N GLY C 263 -14.41 21.66 16.90
CA GLY C 263 -13.83 20.54 16.14
C GLY C 263 -14.93 19.71 15.50
N GLU C 264 -15.76 19.08 16.35
CA GLU C 264 -16.93 18.22 16.00
C GLU C 264 -17.55 18.72 14.68
N VAL C 265 -17.83 20.02 14.58
CA VAL C 265 -18.67 20.63 13.51
C VAL C 265 -17.83 20.87 12.26
N ARG C 266 -16.61 21.37 12.41
CA ARG C 266 -15.72 21.53 11.23
C ARG C 266 -15.50 20.14 10.62
N LEU C 267 -15.29 19.12 11.47
CA LEU C 267 -15.15 17.72 11.02
C LEU C 267 -16.31 17.42 10.07
N LYS C 268 -17.54 17.54 10.58
CA LYS C 268 -18.78 17.19 9.84
C LYS C 268 -18.81 17.90 8.47
N CYS C 269 -18.35 19.15 8.41
CA CYS C 269 -18.33 19.92 7.14
C CYS C 269 -17.36 19.25 6.18
N LEU C 270 -16.23 18.75 6.69
CA LEU C 270 -15.15 18.20 5.83
C LEU C 270 -15.60 16.84 5.31
N LYS C 271 -16.09 15.98 6.21
CA LYS C 271 -16.65 14.64 5.88
C LYS C 271 -17.77 14.82 4.82
N ALA C 272 -18.73 15.71 5.09
CA ALA C 272 -19.82 16.04 4.15
C ALA C 272 -19.23 16.39 2.77
N LEU C 273 -18.24 17.28 2.72
CA LEU C 273 -17.60 17.75 1.46
C LEU C 273 -16.83 16.60 0.81
N GLN C 274 -16.00 15.88 1.57
CA GLN C 274 -15.28 14.67 1.10
C GLN C 274 -16.20 13.87 0.17
N SER C 275 -17.38 13.49 0.66
CA SER C 275 -18.29 12.51 0.02
C SER C 275 -18.75 13.01 -1.36
N LEU C 276 -18.77 14.33 -1.57
CA LEU C 276 -19.14 14.91 -2.90
C LEU C 276 -17.94 14.76 -3.84
N TYR C 277 -16.78 15.25 -3.44
CA TYR C 277 -15.56 15.30 -4.27
C TYR C 277 -15.02 13.89 -4.54
N THR C 278 -15.19 12.91 -3.65
CA THR C 278 -14.64 11.52 -3.82
C THR C 278 -15.17 10.90 -5.12
N ASN C 279 -16.23 11.50 -5.66
CA ASN C 279 -16.89 11.10 -6.93
C ASN C 279 -16.70 12.26 -7.90
N ARG C 280 -15.81 12.09 -8.89
CA ARG C 280 -15.68 12.98 -10.08
C ARG C 280 -17.10 13.21 -10.60
N GLU C 281 -17.28 13.83 -11.77
CA GLU C 281 -18.62 14.03 -12.41
C GLU C 281 -19.46 15.00 -11.56
N LEU C 282 -19.44 14.84 -10.23
CA LEU C 282 -19.97 15.82 -9.24
C LEU C 282 -19.03 17.02 -9.19
N PHE C 283 -17.76 16.80 -9.52
CA PHE C 283 -16.71 17.84 -9.65
C PHE C 283 -17.24 19.08 -10.39
N PRO C 284 -17.68 19.00 -11.67
CA PRO C 284 -18.30 20.15 -12.34
C PRO C 284 -19.18 21.00 -11.40
N LYS C 285 -20.05 20.33 -10.63
CA LYS C 285 -21.09 20.96 -9.77
C LYS C 285 -20.41 21.75 -8.64
N LEU C 286 -19.27 21.28 -8.12
CA LEU C 286 -18.56 21.92 -6.97
C LEU C 286 -17.80 23.18 -7.45
N GLU C 287 -17.68 23.37 -8.77
CA GLU C 287 -16.89 24.43 -9.48
C GLU C 287 -16.88 25.76 -8.71
N LEU C 288 -18.04 26.41 -8.53
CA LEU C 288 -18.14 27.76 -7.90
C LEU C 288 -17.78 27.66 -6.41
N PHE C 289 -18.14 26.54 -5.76
CA PHE C 289 -17.93 26.34 -4.31
C PHE C 289 -16.43 26.20 -4.00
N THR C 290 -15.70 25.46 -4.84
CA THR C 290 -14.24 25.22 -4.66
C THR C 290 -13.50 26.56 -4.68
N ASN C 291 -13.84 27.46 -5.61
CA ASN C 291 -13.22 28.81 -5.76
C ASN C 291 -13.55 29.69 -4.54
N ARG C 292 -14.82 29.77 -4.16
CA ARG C 292 -15.27 30.74 -3.12
C ARG C 292 -14.84 30.28 -1.72
N PHE C 293 -14.38 29.04 -1.54
CA PHE C 293 -14.10 28.48 -0.19
C PHE C 293 -12.68 27.89 -0.04
N LYS C 294 -11.87 27.79 -1.12
CA LYS C 294 -10.57 27.08 -1.03
C LYS C 294 -9.73 27.71 0.08
N ASP C 295 -9.65 29.05 0.13
CA ASP C 295 -8.92 29.78 1.21
C ASP C 295 -9.15 29.10 2.56
N ARG C 296 -10.41 28.80 2.89
CA ARG C 296 -10.80 28.30 4.22
C ARG C 296 -10.41 26.81 4.32
N ILE C 297 -10.74 26.04 3.28
CA ILE C 297 -10.49 24.57 3.26
C ILE C 297 -8.99 24.32 3.56
N VAL C 298 -8.09 24.97 2.81
CA VAL C 298 -6.63 24.63 2.79
C VAL C 298 -5.99 24.97 4.14
N SER C 299 -6.41 26.06 4.79
CA SER C 299 -5.86 26.53 6.09
C SER C 299 -6.20 25.56 7.22
N MET C 300 -7.21 24.70 7.01
CA MET C 300 -7.64 23.68 8.00
C MET C 300 -6.76 22.43 7.87
N THR C 301 -5.94 22.30 6.83
CA THR C 301 -5.00 21.14 6.66
C THR C 301 -3.91 21.22 7.73
N LEU C 302 -3.73 22.39 8.34
CA LEU C 302 -3.04 22.61 9.65
C LEU C 302 -4.05 23.26 10.58
N ASP C 303 -5.07 22.50 11.01
CA ASP C 303 -6.26 23.05 11.71
C ASP C 303 -5.83 23.49 13.11
N LYS C 304 -5.66 22.54 14.03
CA LYS C 304 -5.39 22.77 15.49
C LYS C 304 -5.82 21.49 16.20
N GLU C 305 -7.03 21.06 15.88
CA GLU C 305 -7.53 19.71 16.17
C GLU C 305 -6.91 18.77 15.14
N TYR C 306 -6.19 17.73 15.58
CA TYR C 306 -5.42 16.83 14.69
C TYR C 306 -6.36 16.23 13.63
N ASP C 307 -7.50 15.68 14.07
CA ASP C 307 -8.42 14.88 13.22
C ASP C 307 -9.10 15.79 12.19
N VAL C 308 -9.30 17.08 12.47
CA VAL C 308 -9.89 18.02 11.47
C VAL C 308 -8.90 18.12 10.31
N ALA C 309 -7.68 18.54 10.63
CA ALA C 309 -6.52 18.71 9.74
C ALA C 309 -6.42 17.53 8.77
N VAL C 310 -6.42 16.31 9.32
CA VAL C 310 -6.28 15.06 8.53
C VAL C 310 -7.38 15.06 7.45
N GLU C 311 -8.63 15.26 7.87
CA GLU C 311 -9.83 15.26 6.99
C GLU C 311 -9.69 16.38 5.97
N ALA C 312 -9.12 17.51 6.35
CA ALA C 312 -8.92 18.68 5.47
C ALA C 312 -7.89 18.30 4.40
N ILE C 313 -6.82 17.63 4.82
CA ILE C 313 -5.78 17.12 3.89
C ILE C 313 -6.49 16.15 2.95
N ARG C 314 -7.15 15.14 3.54
CA ARG C 314 -7.92 14.12 2.77
C ARG C 314 -8.76 14.88 1.75
N LEU C 315 -9.45 15.94 2.16
CA LEU C 315 -10.38 16.72 1.29
C LEU C 315 -9.58 17.42 0.19
N VAL C 316 -8.49 18.10 0.56
CA VAL C 316 -7.69 18.88 -0.42
C VAL C 316 -7.07 17.91 -1.42
N THR C 317 -6.45 16.82 -0.97
CA THR C 317 -5.84 15.86 -1.94
C THR C 317 -6.97 15.35 -2.86
N LEU C 318 -8.19 15.17 -2.34
CA LEU C 318 -9.37 14.77 -3.16
C LEU C 318 -9.71 15.87 -4.15
N ILE C 319 -9.85 17.11 -3.69
CA ILE C 319 -10.06 18.27 -4.59
C ILE C 319 -8.95 18.24 -5.66
N LEU C 320 -7.71 17.96 -5.27
CA LEU C 320 -6.50 18.06 -6.14
C LEU C 320 -6.69 17.13 -7.35
N HIS C 321 -7.09 15.87 -7.12
CA HIS C 321 -7.34 14.85 -8.18
C HIS C 321 -8.55 15.29 -9.03
N GLY C 322 -8.36 16.32 -9.88
CA GLY C 322 -9.41 16.90 -10.74
C GLY C 322 -8.97 16.93 -12.19
N THR D 5 -47.31 1.75 23.74
CA THR D 5 -47.08 3.08 23.11
C THR D 5 -45.91 2.96 22.14
N LEU D 6 -45.92 3.80 21.11
CA LEU D 6 -44.78 3.97 20.18
C LEU D 6 -43.51 4.14 21.00
N PHE D 7 -43.51 5.01 22.00
CA PHE D 7 -42.27 5.31 22.79
C PHE D 7 -41.55 4.02 23.25
N GLU D 8 -42.23 3.09 23.93
CA GLU D 8 -41.56 1.96 24.63
C GLU D 8 -41.04 0.95 23.60
N VAL D 9 -41.77 0.80 22.49
CA VAL D 9 -41.37 -0.01 21.31
C VAL D 9 -40.08 0.59 20.73
N VAL D 10 -40.07 1.88 20.40
CA VAL D 10 -38.90 2.55 19.76
C VAL D 10 -37.71 2.47 20.71
N LYS D 11 -37.84 2.97 21.94
CA LYS D 11 -36.76 2.91 22.97
C LYS D 11 -36.05 1.56 22.90
N LEU D 12 -36.85 0.50 23.11
CA LEU D 12 -36.41 -0.92 23.23
C LEU D 12 -35.85 -1.39 21.88
N GLY D 13 -36.55 -1.09 20.79
CA GLY D 13 -36.18 -1.45 19.40
C GLY D 13 -35.83 -2.91 19.22
N LYS D 14 -36.57 -3.83 19.87
CA LYS D 14 -36.39 -5.30 19.73
C LYS D 14 -36.38 -5.69 18.24
N SER D 15 -35.55 -6.67 17.88
CA SER D 15 -35.34 -7.14 16.49
C SER D 15 -36.53 -8.00 16.04
N ALA D 16 -36.57 -8.34 14.76
CA ALA D 16 -37.63 -9.18 14.15
C ALA D 16 -37.56 -10.58 14.74
N MET D 17 -36.34 -11.07 14.94
CA MET D 17 -36.06 -12.39 15.55
C MET D 17 -36.26 -12.34 17.07
N GLN D 18 -35.75 -11.32 17.77
CA GLN D 18 -35.96 -11.29 19.23
C GLN D 18 -37.47 -11.24 19.54
N SER D 19 -38.24 -10.53 18.72
CA SER D 19 -39.70 -10.38 18.96
C SER D 19 -40.33 -11.76 18.91
N VAL D 20 -40.07 -12.54 17.86
CA VAL D 20 -40.67 -13.90 17.69
C VAL D 20 -40.14 -14.77 18.82
N VAL D 21 -38.83 -14.78 19.04
CA VAL D 21 -38.25 -15.62 20.13
C VAL D 21 -38.97 -15.37 21.46
N ASP D 22 -39.19 -14.13 21.90
CA ASP D 22 -39.87 -13.88 23.20
C ASP D 22 -41.27 -14.48 23.17
N ASP D 23 -42.02 -14.22 22.08
CA ASP D 23 -43.35 -14.85 21.87
C ASP D 23 -43.20 -16.36 22.11
N TRP D 24 -42.32 -17.03 21.37
CA TRP D 24 -42.15 -18.50 21.45
C TRP D 24 -41.91 -18.96 22.90
N ILE D 25 -41.01 -18.29 23.62
CA ILE D 25 -40.67 -18.64 25.04
C ILE D 25 -41.94 -18.54 25.88
N GLU D 26 -42.72 -17.46 25.72
CA GLU D 26 -44.05 -17.36 26.38
C GLU D 26 -44.84 -18.62 26.02
N SER D 27 -45.00 -18.91 24.73
CA SER D 27 -45.80 -20.05 24.22
C SER D 27 -45.35 -21.35 24.90
N TYR D 28 -44.04 -21.51 25.16
CA TYR D 28 -43.39 -22.71 25.77
C TYR D 28 -43.78 -22.75 27.25
N LYS D 29 -43.85 -21.58 27.87
CA LYS D 29 -44.22 -21.42 29.30
C LYS D 29 -45.72 -21.74 29.48
N GLN D 30 -46.57 -21.40 28.51
CA GLN D 30 -48.02 -21.73 28.52
C GLN D 30 -48.19 -23.24 28.28
N ASP D 31 -47.54 -23.82 27.26
CA ASP D 31 -47.63 -25.27 26.89
C ASP D 31 -46.39 -25.72 26.11
N ARG D 32 -45.53 -26.52 26.74
CA ARG D 32 -44.20 -26.97 26.23
C ARG D 32 -44.38 -27.85 25.01
N ASP D 33 -45.38 -28.74 25.06
CA ASP D 33 -45.64 -29.74 23.99
C ASP D 33 -46.07 -29.02 22.70
N ILE D 34 -46.98 -28.05 22.77
CA ILE D 34 -47.48 -27.40 21.51
C ILE D 34 -46.43 -26.40 21.05
N ALA D 35 -45.58 -25.88 21.95
CA ALA D 35 -44.50 -24.92 21.59
C ALA D 35 -43.40 -25.69 20.86
N LEU D 36 -42.85 -26.74 21.47
CA LEU D 36 -41.87 -27.63 20.81
C LEU D 36 -42.44 -28.07 19.47
N LEU D 37 -43.74 -28.38 19.44
CA LEU D 37 -44.39 -28.82 18.17
C LEU D 37 -44.16 -27.73 17.13
N ASP D 38 -44.33 -26.44 17.52
CA ASP D 38 -44.20 -25.28 16.60
C ASP D 38 -42.75 -25.18 16.10
N LEU D 39 -41.79 -25.29 17.03
CA LEU D 39 -40.34 -25.26 16.72
C LEU D 39 -40.00 -26.36 15.72
N ILE D 40 -40.54 -27.56 15.93
CA ILE D 40 -40.29 -28.74 15.05
C ILE D 40 -40.84 -28.42 13.67
N ASN D 41 -42.11 -28.04 13.61
CA ASN D 41 -42.79 -27.65 12.35
C ASN D 41 -42.01 -26.50 11.68
N PHE D 42 -41.25 -25.72 12.46
CA PHE D 42 -40.48 -24.58 11.91
C PHE D 42 -39.32 -25.11 11.09
N PHE D 43 -38.53 -26.01 11.64
CA PHE D 43 -37.38 -26.62 10.91
C PHE D 43 -37.87 -27.46 9.72
N ILE D 44 -39.04 -28.09 9.82
CA ILE D 44 -39.65 -28.87 8.70
C ILE D 44 -40.01 -27.88 7.59
N GLN D 45 -40.72 -26.82 7.95
CA GLN D 45 -41.27 -25.86 6.96
C GLN D 45 -40.11 -25.06 6.37
N CYS D 46 -39.05 -24.81 7.14
CA CYS D 46 -37.83 -24.12 6.61
C CYS D 46 -37.19 -24.97 5.48
N SER D 47 -37.37 -26.30 5.48
CA SER D 47 -36.83 -27.22 4.43
C SER D 47 -37.68 -27.19 3.16
N GLY D 48 -38.81 -26.48 3.18
CA GLY D 48 -39.77 -26.47 2.06
C GLY D 48 -40.67 -27.68 2.07
N CYS D 49 -40.69 -28.44 3.18
CA CYS D 49 -41.64 -29.56 3.39
C CYS D 49 -43.04 -28.99 3.68
N ARG D 50 -44.02 -29.30 2.84
CA ARG D 50 -45.43 -28.83 2.97
C ARG D 50 -46.08 -29.56 4.15
N GLY D 51 -45.50 -30.70 4.54
CA GLY D 51 -45.94 -31.53 5.69
C GLY D 51 -45.83 -30.80 7.02
N THR D 52 -46.62 -31.23 7.99
CA THR D 52 -46.82 -30.51 9.29
C THR D 52 -47.22 -31.57 10.32
N VAL D 53 -46.42 -31.72 11.39
CA VAL D 53 -46.52 -32.73 12.48
C VAL D 53 -47.63 -32.31 13.44
N ARG D 54 -48.66 -33.15 13.61
CA ARG D 54 -49.82 -32.91 14.53
C ARG D 54 -49.39 -33.25 15.96
N ILE D 55 -50.10 -32.73 16.97
CA ILE D 55 -49.75 -32.96 18.41
C ILE D 55 -49.85 -34.45 18.74
N GLU D 56 -50.81 -35.19 18.16
CA GLU D 56 -51.05 -36.60 18.55
C GLU D 56 -50.04 -37.48 17.81
N MET D 57 -49.61 -37.04 16.64
CA MET D 57 -48.42 -37.59 15.94
C MET D 57 -47.23 -37.43 16.89
N PHE D 58 -47.10 -36.24 17.50
CA PHE D 58 -46.01 -35.86 18.46
C PHE D 58 -46.03 -36.81 19.67
N ARG D 59 -47.23 -37.12 20.16
CA ARG D 59 -47.39 -37.89 21.41
C ARG D 59 -47.11 -39.38 21.15
N ASN D 60 -47.69 -39.95 20.08
CA ASN D 60 -47.86 -41.43 19.95
C ASN D 60 -46.88 -42.06 18.94
N MET D 61 -46.57 -41.41 17.81
CA MET D 61 -45.69 -41.99 16.74
C MET D 61 -44.21 -41.88 17.14
N GLN D 62 -43.44 -42.93 16.83
CA GLN D 62 -41.99 -43.02 17.14
C GLN D 62 -41.24 -42.02 16.24
N ASN D 63 -40.23 -41.35 16.82
CA ASN D 63 -39.28 -40.42 16.13
C ASN D 63 -38.95 -40.92 14.72
N ALA D 64 -38.33 -42.10 14.65
CA ALA D 64 -37.93 -42.82 13.41
C ALA D 64 -39.01 -42.69 12.32
N GLU D 65 -40.27 -42.99 12.68
CA GLU D 65 -41.44 -42.93 11.74
C GLU D 65 -41.55 -41.49 11.22
N ILE D 66 -42.09 -40.58 12.03
CA ILE D 66 -42.56 -39.22 11.62
C ILE D 66 -41.67 -38.63 10.52
N ILE D 67 -40.38 -38.42 10.78
CA ILE D 67 -39.45 -37.91 9.73
C ILE D 67 -39.81 -38.56 8.39
N ARG D 68 -39.98 -39.90 8.39
CA ARG D 68 -40.50 -40.73 7.26
C ARG D 68 -41.83 -40.12 6.78
N LYS D 69 -42.77 -39.92 7.70
CA LYS D 69 -44.11 -39.36 7.34
C LYS D 69 -43.88 -38.05 6.59
N MET D 70 -43.14 -37.12 7.16
CA MET D 70 -42.88 -35.79 6.54
C MET D 70 -42.07 -35.96 5.25
N THR D 71 -41.26 -37.02 5.13
CA THR D 71 -40.41 -37.32 3.93
C THR D 71 -41.29 -37.50 2.69
N GLU D 72 -42.57 -37.91 2.83
CA GLU D 72 -43.62 -37.75 1.78
C GLU D 72 -43.80 -36.24 1.63
N GLU D 73 -45.02 -35.71 1.55
CA GLU D 73 -45.35 -34.29 1.89
C GLU D 73 -44.46 -33.22 1.22
N PHE D 74 -43.37 -33.58 0.55
CA PHE D 74 -42.53 -32.63 -0.22
C PHE D 74 -43.22 -32.31 -1.54
N ASP D 75 -43.63 -33.38 -2.26
CA ASP D 75 -44.43 -33.42 -3.53
C ASP D 75 -43.51 -33.16 -4.75
N GLU D 76 -42.71 -32.09 -4.73
CA GLU D 76 -41.49 -31.91 -5.58
C GLU D 76 -41.82 -31.98 -7.08
N ASP D 77 -42.70 -31.10 -7.57
CA ASP D 77 -42.74 -30.62 -8.99
C ASP D 77 -41.51 -29.74 -9.21
N SER D 78 -40.91 -29.25 -8.13
CA SER D 78 -39.66 -28.47 -8.07
C SER D 78 -38.77 -29.05 -6.97
N GLY D 79 -37.44 -29.04 -7.15
CA GLY D 79 -36.45 -29.36 -6.10
C GLY D 79 -35.92 -28.12 -5.37
N ASP D 80 -36.65 -27.00 -5.44
CA ASP D 80 -36.31 -25.74 -4.74
C ASP D 80 -36.67 -25.91 -3.27
N TYR D 81 -35.79 -25.45 -2.37
CA TYR D 81 -36.07 -25.26 -0.93
C TYR D 81 -35.53 -23.90 -0.54
N PRO D 82 -36.10 -23.26 0.50
CA PRO D 82 -35.76 -21.88 0.82
C PRO D 82 -34.27 -21.53 0.86
N LEU D 83 -33.45 -22.40 1.44
CA LEU D 83 -32.00 -22.10 1.64
C LEU D 83 -31.27 -21.97 0.29
N THR D 84 -31.85 -22.49 -0.80
CA THR D 84 -31.28 -22.38 -2.18
C THR D 84 -32.07 -21.37 -3.03
N MET D 85 -33.39 -21.35 -2.98
CA MET D 85 -34.15 -20.40 -3.83
C MET D 85 -33.41 -19.06 -3.77
N PRO D 86 -33.09 -18.45 -4.93
CA PRO D 86 -32.18 -17.30 -4.99
C PRO D 86 -32.98 -16.00 -4.92
N GLY D 87 -32.29 -14.85 -4.88
CA GLY D 87 -32.94 -13.53 -4.84
C GLY D 87 -33.02 -12.98 -3.42
N PRO D 88 -33.27 -11.67 -3.25
CA PRO D 88 -32.87 -10.96 -2.04
C PRO D 88 -33.71 -11.28 -0.79
N GLN D 89 -35.00 -11.60 -0.96
CA GLN D 89 -35.91 -11.90 0.19
C GLN D 89 -35.48 -13.25 0.77
N TRP D 90 -35.12 -14.23 -0.05
CA TRP D 90 -34.65 -15.56 0.43
C TRP D 90 -33.26 -15.48 1.08
N LYS D 91 -32.43 -14.51 0.72
CA LYS D 91 -31.11 -14.32 1.39
C LYS D 91 -31.38 -13.75 2.78
N LYS D 92 -32.36 -12.84 2.89
CA LYS D 92 -32.77 -12.28 4.20
C LYS D 92 -33.38 -13.44 4.98
N PHE D 93 -34.01 -14.41 4.33
CA PHE D 93 -34.49 -15.63 5.04
C PHE D 93 -33.32 -16.37 5.69
N ARG D 94 -32.31 -16.74 4.92
CA ARG D 94 -31.13 -17.49 5.44
C ARG D 94 -30.57 -16.70 6.63
N SER D 95 -30.46 -15.38 6.48
CA SER D 95 -30.00 -14.50 7.57
C SER D 95 -30.92 -14.69 8.79
N ASN D 96 -32.23 -14.56 8.57
CA ASN D 96 -33.20 -14.57 9.68
C ASN D 96 -33.20 -15.96 10.33
N PHE D 97 -33.15 -17.02 9.54
CA PHE D 97 -33.10 -18.41 10.03
C PHE D 97 -31.91 -18.62 11.00
N CYS D 98 -30.73 -18.14 10.63
CA CYS D 98 -29.52 -18.34 11.48
C CYS D 98 -29.66 -17.47 12.73
N GLU D 99 -30.18 -16.26 12.60
CA GLU D 99 -30.32 -15.32 13.74
C GLU D 99 -31.31 -15.93 14.74
N PHE D 100 -32.44 -16.43 14.25
CA PHE D 100 -33.49 -16.95 15.15
C PHE D 100 -32.88 -17.97 16.08
N ILE D 101 -32.13 -18.91 15.52
CA ILE D 101 -31.47 -20.00 16.29
C ILE D 101 -30.63 -19.36 17.39
N GLY D 102 -29.71 -18.47 17.01
CA GLY D 102 -28.87 -17.72 17.96
C GLY D 102 -29.70 -17.08 19.07
N VAL D 103 -30.69 -16.28 18.71
CA VAL D 103 -31.46 -15.47 19.69
C VAL D 103 -32.25 -16.42 20.59
N LEU D 104 -32.77 -17.51 20.05
CA LEU D 104 -33.56 -18.49 20.84
C LEU D 104 -32.71 -19.01 21.98
N ILE D 105 -31.46 -19.35 21.68
CA ILE D 105 -30.57 -20.00 22.68
C ILE D 105 -30.13 -18.90 23.65
N ARG D 106 -29.66 -17.76 23.17
CA ARG D 106 -29.26 -16.62 24.04
C ARG D 106 -30.38 -16.34 25.05
N GLN D 107 -31.64 -16.32 24.64
CA GLN D 107 -32.77 -15.97 25.55
C GLN D 107 -33.21 -17.18 26.40
N CYS D 108 -32.85 -18.41 26.03
CA CYS D 108 -33.25 -19.64 26.77
C CYS D 108 -32.14 -20.09 27.74
N GLN D 109 -31.07 -19.31 27.91
CA GLN D 109 -29.74 -19.88 28.26
C GLN D 109 -29.57 -20.06 29.79
N TYR D 110 -30.48 -19.53 30.61
CA TYR D 110 -30.40 -19.53 32.09
C TYR D 110 -31.49 -20.44 32.70
N SER D 111 -32.24 -21.17 31.87
CA SER D 111 -33.48 -21.89 32.26
C SER D 111 -33.79 -23.01 31.28
N ILE D 112 -34.64 -22.71 30.30
CA ILE D 112 -35.25 -23.68 29.35
C ILE D 112 -34.17 -24.62 28.82
N ILE D 113 -33.08 -24.05 28.30
CA ILE D 113 -31.95 -24.81 27.70
C ILE D 113 -31.63 -25.99 28.64
N TYR D 114 -31.74 -25.78 29.97
CA TYR D 114 -31.32 -26.72 31.03
C TYR D 114 -32.41 -27.71 31.44
N ASP D 115 -33.71 -27.43 31.27
CA ASP D 115 -34.72 -28.53 31.33
C ASP D 115 -34.25 -29.56 30.32
N GLU D 116 -34.79 -30.78 30.38
CA GLU D 116 -34.21 -31.92 29.64
C GLU D 116 -35.24 -32.37 28.60
N TYR D 117 -35.82 -31.40 27.89
CA TYR D 117 -36.97 -31.57 26.96
C TYR D 117 -36.75 -30.74 25.68
N MET D 118 -36.57 -29.42 25.83
CA MET D 118 -36.47 -28.51 24.66
C MET D 118 -35.24 -28.91 23.83
N MET D 119 -34.04 -28.95 24.39
CA MET D 119 -32.81 -29.15 23.57
C MET D 119 -32.72 -30.61 23.13
N ASP D 120 -33.13 -31.55 23.97
CA ASP D 120 -33.07 -32.99 23.60
C ASP D 120 -34.01 -33.24 22.42
N THR D 121 -35.05 -32.44 22.29
CA THR D 121 -36.02 -32.59 21.17
C THR D 121 -35.44 -31.98 19.90
N VAL D 122 -35.03 -30.71 19.95
CA VAL D 122 -34.39 -30.01 18.79
C VAL D 122 -33.21 -30.87 18.31
N ILE D 123 -32.25 -31.19 19.18
CA ILE D 123 -31.04 -31.90 18.70
C ILE D 123 -31.50 -33.23 18.13
N SER D 124 -32.47 -33.86 18.78
CA SER D 124 -33.07 -35.13 18.29
C SER D 124 -33.58 -34.92 16.86
N LEU D 125 -34.42 -33.90 16.66
CA LEU D 125 -35.04 -33.63 15.34
C LEU D 125 -33.92 -33.45 14.34
N LEU D 126 -33.04 -32.45 14.60
CA LEU D 126 -32.02 -32.00 13.63
C LEU D 126 -31.15 -33.19 13.23
N THR D 127 -30.68 -33.97 14.19
CA THR D 127 -29.90 -35.20 13.88
C THR D 127 -30.73 -36.09 12.97
N GLY D 128 -31.99 -36.33 13.31
CA GLY D 128 -32.90 -37.11 12.45
C GLY D 128 -32.99 -36.58 11.03
N LEU D 129 -33.22 -35.29 10.84
CA LEU D 129 -33.31 -34.69 9.50
C LEU D 129 -31.95 -34.77 8.81
N SER D 130 -30.86 -34.56 9.55
CA SER D 130 -29.49 -34.43 8.99
C SER D 130 -29.04 -35.73 8.31
N ASP D 131 -29.75 -36.86 8.54
CA ASP D 131 -29.40 -38.19 7.98
C ASP D 131 -30.23 -38.46 6.73
N SER D 132 -31.33 -37.72 6.56
CA SER D 132 -32.37 -37.88 5.52
C SER D 132 -31.78 -38.01 4.12
N GLN D 133 -32.40 -38.84 3.27
CA GLN D 133 -32.09 -38.98 1.83
C GLN D 133 -32.56 -37.74 1.06
N VAL D 134 -33.10 -36.73 1.75
CA VAL D 134 -33.65 -35.50 1.10
C VAL D 134 -32.66 -34.35 1.29
N ARG D 135 -32.02 -33.91 0.22
CA ARG D 135 -31.15 -32.71 0.20
C ARG D 135 -31.76 -31.64 1.15
N ALA D 136 -32.91 -31.10 0.77
CA ALA D 136 -33.56 -29.98 1.48
C ALA D 136 -33.55 -30.22 3.00
N PHE D 137 -33.73 -31.47 3.44
CA PHE D 137 -33.73 -31.81 4.89
C PHE D 137 -32.30 -31.72 5.38
N ARG D 138 -31.38 -32.42 4.71
CA ARG D 138 -29.95 -32.49 5.13
C ARG D 138 -29.41 -31.05 5.24
N HIS D 139 -29.58 -30.24 4.19
CA HIS D 139 -29.05 -28.86 4.15
C HIS D 139 -29.63 -28.02 5.30
N THR D 140 -30.95 -27.98 5.42
CA THR D 140 -31.61 -27.09 6.42
C THR D 140 -31.19 -27.51 7.83
N SER D 141 -31.38 -28.78 8.16
CA SER D 141 -31.01 -29.35 9.47
C SER D 141 -29.54 -29.01 9.77
N THR D 142 -28.63 -29.30 8.85
CA THR D 142 -27.18 -29.13 9.07
C THR D 142 -26.86 -27.66 9.34
N LEU D 143 -27.32 -26.75 8.48
CA LEU D 143 -27.14 -25.29 8.74
C LEU D 143 -27.61 -25.00 10.16
N ALA D 144 -28.76 -25.55 10.54
CA ALA D 144 -29.41 -25.27 11.83
C ALA D 144 -28.55 -25.82 12.97
N ALA D 145 -28.15 -27.09 12.89
CA ALA D 145 -27.26 -27.75 13.88
C ALA D 145 -26.03 -26.86 14.08
N MET D 146 -25.36 -26.53 12.98
CA MET D 146 -24.10 -25.74 13.02
C MET D 146 -24.31 -24.46 13.84
N LYS D 147 -25.34 -23.67 13.54
CA LYS D 147 -25.62 -22.39 14.23
C LYS D 147 -26.01 -22.65 15.69
N LEU D 148 -26.77 -23.71 15.93
CA LEU D 148 -27.15 -24.15 17.30
C LEU D 148 -25.87 -24.39 18.08
N MET D 149 -24.97 -25.19 17.51
CA MET D 149 -23.64 -25.48 18.08
C MET D 149 -23.04 -24.14 18.50
N THR D 150 -22.92 -23.19 17.56
CA THR D 150 -22.20 -21.91 17.80
C THR D 150 -22.87 -21.18 18.95
N ALA D 151 -24.19 -21.29 19.07
CA ALA D 151 -24.98 -20.63 20.14
C ALA D 151 -24.68 -21.27 21.50
N LEU D 152 -24.55 -22.60 21.57
CA LEU D 152 -24.19 -23.35 22.80
C LEU D 152 -22.78 -22.92 23.19
N VAL D 153 -21.85 -22.86 22.24
CA VAL D 153 -20.45 -22.44 22.50
C VAL D 153 -20.49 -21.10 23.23
N ASN D 154 -21.36 -20.17 22.82
CA ASN D 154 -21.48 -18.87 23.50
C ASN D 154 -21.88 -19.14 24.95
N VAL D 155 -22.94 -19.92 25.13
CA VAL D 155 -23.48 -20.28 26.48
C VAL D 155 -22.33 -20.74 27.38
N ALA D 156 -21.46 -21.62 26.86
CA ALA D 156 -20.30 -22.20 27.57
C ALA D 156 -19.32 -21.09 27.90
N LEU D 157 -19.03 -20.24 26.91
CA LEU D 157 -18.16 -19.05 27.07
C LEU D 157 -18.68 -18.18 28.23
N ASN D 158 -19.98 -17.85 28.18
CA ASN D 158 -20.72 -17.16 29.26
C ASN D 158 -20.56 -17.90 30.59
N LEU D 159 -20.87 -19.20 30.64
CA LEU D 159 -20.71 -20.04 31.88
C LEU D 159 -19.27 -19.90 32.39
N SER D 160 -18.29 -20.07 31.51
CA SER D 160 -16.86 -20.10 31.86
C SER D 160 -16.39 -18.75 32.39
N ILE D 161 -17.18 -17.69 32.22
CA ILE D 161 -16.95 -16.35 32.87
C ILE D 161 -17.62 -16.34 34.26
N HIS D 162 -18.84 -16.83 34.35
CA HIS D 162 -19.58 -17.03 35.62
C HIS D 162 -18.82 -18.02 36.50
N GLN D 163 -18.17 -19.04 35.93
CA GLN D 163 -17.39 -20.04 36.70
C GLN D 163 -16.18 -19.32 37.29
N ASP D 164 -15.53 -18.44 36.50
CA ASP D 164 -14.31 -17.72 36.93
C ASP D 164 -14.65 -16.62 37.95
N ASN D 165 -15.93 -16.38 38.26
CA ASN D 165 -16.34 -15.31 39.22
C ASN D 165 -17.01 -15.90 40.47
N THR D 166 -17.57 -17.12 40.39
CA THR D 166 -17.96 -17.93 41.57
C THR D 166 -16.67 -18.48 42.19
N GLN D 167 -15.60 -18.63 41.41
CA GLN D 167 -14.27 -19.05 41.94
C GLN D 167 -13.71 -17.89 42.77
N ARG D 168 -13.50 -16.69 42.20
CA ARG D 168 -13.00 -15.51 42.96
C ARG D 168 -13.71 -15.46 44.32
N GLN D 169 -15.04 -15.41 44.31
CA GLN D 169 -15.89 -15.05 45.48
C GLN D 169 -16.11 -16.26 46.40
N TYR D 170 -15.62 -17.45 46.05
CA TYR D 170 -15.53 -18.60 46.99
C TYR D 170 -14.16 -18.63 47.69
N GLU D 171 -13.10 -18.15 47.03
CA GLU D 171 -11.70 -18.22 47.52
C GLU D 171 -11.41 -17.07 48.49
N ALA D 172 -11.95 -15.87 48.24
CA ALA D 172 -11.83 -14.70 49.14
C ALA D 172 -12.71 -14.91 50.38
N GLU D 173 -13.82 -15.64 50.26
CA GLU D 173 -14.75 -15.95 51.39
C GLU D 173 -14.37 -17.27 52.08
N ARG D 174 -13.40 -18.03 51.56
CA ARG D 174 -12.86 -19.25 52.21
C ARG D 174 -11.89 -18.86 53.32
N ASN D 175 -11.32 -17.64 53.31
CA ASN D 175 -10.50 -17.05 54.40
C ASN D 175 -11.27 -17.02 55.74
N LYS D 176 -12.61 -17.10 55.71
CA LYS D 176 -13.49 -17.29 56.90
C LYS D 176 -14.62 -18.28 56.55
N GLU D 184 -21.31 -19.13 56.11
CA GLU D 184 -22.78 -18.87 56.00
C GLU D 184 -23.14 -18.71 54.51
N ARG D 185 -22.39 -17.86 53.79
CA ARG D 185 -22.47 -17.65 52.32
C ARG D 185 -21.55 -18.64 51.57
N LEU D 186 -20.55 -19.21 52.25
CA LEU D 186 -19.61 -20.19 51.67
C LEU D 186 -20.34 -21.51 51.34
N GLU D 187 -21.45 -21.79 52.05
CA GLU D 187 -22.32 -22.97 51.79
C GLU D 187 -23.06 -22.75 50.47
N LEU D 188 -23.29 -21.49 50.08
CA LEU D 188 -23.98 -21.06 48.83
C LEU D 188 -22.99 -21.05 47.66
N LEU D 189 -21.82 -20.41 47.81
CA LEU D 189 -20.81 -20.27 46.72
C LEU D 189 -20.34 -21.66 46.26
N LEU D 190 -20.23 -22.60 47.20
CA LEU D 190 -19.85 -24.02 46.94
C LEU D 190 -21.02 -24.71 46.20
N GLN D 191 -22.25 -24.34 46.52
CA GLN D 191 -23.49 -24.86 45.87
C GLN D 191 -23.58 -24.32 44.43
N LYS D 192 -23.33 -23.02 44.22
CA LYS D 192 -23.43 -22.40 42.87
C LYS D 192 -22.37 -23.05 41.98
N ARG D 193 -21.09 -22.99 42.38
CA ARG D 193 -19.94 -23.56 41.62
C ARG D 193 -20.25 -24.99 41.16
N LYS D 194 -21.04 -25.77 41.91
CA LYS D 194 -21.47 -27.14 41.56
C LYS D 194 -22.46 -27.07 40.39
N GLU D 195 -23.50 -26.24 40.53
CA GLU D 195 -24.57 -26.04 39.50
C GLU D 195 -23.94 -25.59 38.16
N LEU D 196 -23.01 -24.65 38.20
CA LEU D 196 -22.29 -24.16 36.99
C LEU D 196 -21.49 -25.30 36.35
N GLN D 197 -20.90 -26.18 37.15
CA GLN D 197 -20.22 -27.39 36.61
C GLN D 197 -21.28 -28.27 35.93
N GLU D 198 -22.43 -28.47 36.56
CA GLU D 198 -23.52 -29.34 36.02
C GLU D 198 -24.08 -28.72 34.73
N ASN D 199 -24.34 -27.42 34.74
CA ASN D 199 -24.59 -26.61 33.52
C ASN D 199 -23.52 -26.97 32.48
N GLN D 200 -22.31 -26.43 32.66
CA GLN D 200 -21.15 -26.65 31.76
C GLN D 200 -21.11 -28.11 31.29
N ASP D 201 -21.46 -29.09 32.14
CA ASP D 201 -21.53 -30.53 31.77
C ASP D 201 -22.61 -30.74 30.70
N GLU D 202 -23.84 -30.28 30.95
CA GLU D 202 -24.99 -30.53 30.02
C GLU D 202 -24.66 -29.89 28.67
N ILE D 203 -24.17 -28.66 28.67
CA ILE D 203 -23.83 -27.90 27.44
C ILE D 203 -22.80 -28.71 26.66
N GLU D 204 -21.69 -29.12 27.29
CA GLU D 204 -20.64 -29.92 26.61
C GLU D 204 -21.33 -31.15 26.01
N ASN D 205 -22.14 -31.85 26.80
CA ASN D 205 -22.97 -32.99 26.32
C ASN D 205 -23.64 -32.59 25.00
N MET D 206 -24.47 -31.55 25.02
CA MET D 206 -25.32 -31.17 23.85
C MET D 206 -24.43 -30.93 22.63
N MET D 207 -23.41 -30.08 22.76
CA MET D 207 -22.40 -29.84 21.72
C MET D 207 -21.96 -31.20 21.16
N ASN D 208 -21.54 -32.10 22.05
CA ASN D 208 -20.99 -33.42 21.65
C ASN D 208 -21.95 -34.10 20.67
N SER D 209 -23.23 -34.22 21.03
CA SER D 209 -24.24 -34.94 20.21
C SER D 209 -24.39 -34.24 18.87
N ILE D 210 -24.31 -32.92 18.83
CA ILE D 210 -24.31 -32.19 17.52
C ILE D 210 -23.06 -32.62 16.74
N PHE D 211 -21.88 -32.59 17.38
CA PHE D 211 -20.57 -32.79 16.70
C PHE D 211 -20.52 -34.19 16.09
N LYS D 212 -20.81 -35.23 16.89
CA LYS D 212 -20.63 -36.65 16.52
C LYS D 212 -21.87 -37.17 15.79
N GLY D 213 -22.99 -36.49 16.03
CA GLY D 213 -24.29 -36.84 15.42
C GLY D 213 -24.49 -36.16 14.08
N ILE D 214 -23.95 -34.95 13.91
CA ILE D 214 -24.23 -34.14 12.69
C ILE D 214 -22.89 -33.77 12.02
N PHE D 215 -21.97 -33.10 12.73
CA PHE D 215 -20.77 -32.54 12.07
C PHE D 215 -19.96 -33.65 11.39
N VAL D 216 -19.58 -34.70 12.09
CA VAL D 216 -18.63 -35.74 11.58
C VAL D 216 -19.20 -36.49 10.38
N HIS D 217 -20.51 -36.46 10.16
CA HIS D 217 -21.16 -37.05 8.94
C HIS D 217 -21.27 -35.99 7.84
N ARG D 218 -21.71 -34.79 8.20
CA ARG D 218 -22.10 -33.76 7.20
C ARG D 218 -20.86 -33.08 6.58
N TYR D 219 -19.76 -32.89 7.31
CA TYR D 219 -18.56 -32.23 6.74
C TYR D 219 -18.15 -33.02 5.48
N ARG D 220 -18.36 -34.34 5.44
CA ARG D 220 -18.07 -35.23 4.27
C ARG D 220 -19.29 -35.38 3.33
N ASP D 221 -20.41 -34.71 3.61
CA ASP D 221 -21.67 -34.84 2.85
C ASP D 221 -21.36 -34.86 1.36
N ALA D 222 -22.25 -35.42 0.56
CA ALA D 222 -22.20 -35.41 -0.92
C ALA D 222 -22.28 -33.97 -1.41
N ILE D 223 -23.18 -33.14 -0.88
CA ILE D 223 -23.40 -31.77 -1.43
C ILE D 223 -22.32 -30.84 -0.87
N ALA D 224 -21.79 -30.01 -1.76
CA ALA D 224 -20.63 -29.15 -1.51
C ALA D 224 -21.03 -28.06 -0.51
N GLU D 225 -22.17 -27.41 -0.77
CA GLU D 225 -22.75 -26.37 0.11
C GLU D 225 -22.83 -26.89 1.56
N ILE D 226 -23.23 -28.14 1.77
CA ILE D 226 -23.33 -28.75 3.14
C ILE D 226 -21.91 -28.92 3.72
N ARG D 227 -20.95 -29.39 2.93
CA ARG D 227 -19.55 -29.53 3.42
C ARG D 227 -19.08 -28.13 3.82
N ALA D 228 -19.38 -27.12 3.01
CA ALA D 228 -18.90 -25.73 3.17
C ALA D 228 -19.41 -25.14 4.49
N ILE D 229 -20.67 -25.41 4.80
CA ILE D 229 -21.38 -24.91 6.02
C ILE D 229 -20.65 -25.43 7.25
N CYS D 230 -20.29 -26.71 7.26
CA CYS D 230 -19.58 -27.35 8.40
C CYS D 230 -18.21 -26.68 8.55
N ILE D 231 -17.43 -26.67 7.48
CA ILE D 231 -16.05 -26.14 7.58
C ILE D 231 -16.15 -24.71 8.10
N GLU D 232 -17.07 -23.90 7.56
CA GLU D 232 -17.14 -22.48 7.96
C GLU D 232 -17.30 -22.40 9.47
N GLU D 233 -18.21 -23.20 10.02
CA GLU D 233 -18.67 -22.99 11.40
C GLU D 233 -17.68 -23.62 12.37
N ILE D 234 -16.94 -24.65 11.95
CA ILE D 234 -15.91 -25.24 12.86
C ILE D 234 -14.80 -24.20 13.00
N GLY D 235 -14.57 -23.42 11.95
CA GLY D 235 -13.62 -22.29 11.98
C GLY D 235 -14.05 -21.31 13.04
N VAL D 236 -15.35 -21.09 13.15
CA VAL D 236 -15.91 -20.09 14.07
C VAL D 236 -15.68 -20.56 15.52
N TRP D 237 -15.93 -21.84 15.82
CA TRP D 237 -15.80 -22.38 17.19
C TRP D 237 -14.32 -22.29 17.58
N MET D 238 -13.43 -22.64 16.64
CA MET D 238 -11.98 -22.70 16.89
C MET D 238 -11.48 -21.29 17.21
N LYS D 239 -12.01 -20.28 16.52
CA LYS D 239 -11.65 -18.85 16.71
C LYS D 239 -12.28 -18.34 17.99
N MET D 240 -13.55 -18.64 18.24
CA MET D 240 -14.37 -17.95 19.27
C MET D 240 -14.08 -18.54 20.67
N TYR D 241 -13.70 -19.82 20.73
CA TYR D 241 -13.41 -20.53 22.00
C TYR D 241 -12.19 -21.41 21.82
N SER D 242 -11.01 -20.80 21.66
CA SER D 242 -9.79 -21.49 21.20
C SER D 242 -9.32 -22.43 22.31
N ASP D 243 -9.58 -22.09 23.57
CA ASP D 243 -9.15 -22.95 24.71
C ASP D 243 -9.76 -24.35 24.59
N ALA D 244 -11.04 -24.46 24.18
CA ALA D 244 -11.78 -25.75 24.14
C ALA D 244 -11.69 -26.41 22.75
N PHE D 245 -11.66 -25.63 21.67
CA PHE D 245 -11.83 -26.12 20.28
C PHE D 245 -10.54 -26.03 19.44
N LEU D 246 -9.76 -24.95 19.54
CA LEU D 246 -8.54 -24.83 18.68
C LEU D 246 -7.53 -25.88 19.15
N ASN D 247 -7.64 -27.09 18.63
CA ASN D 247 -6.69 -28.18 18.92
C ASN D 247 -6.61 -29.12 17.69
N ASP D 248 -5.85 -30.20 17.77
CA ASP D 248 -5.54 -31.05 16.59
C ASP D 248 -6.78 -31.83 16.19
N SER D 249 -7.59 -32.27 17.17
CA SER D 249 -8.80 -33.11 16.97
C SER D 249 -9.89 -32.37 16.18
N TYR D 250 -9.97 -31.05 16.29
CA TYR D 250 -10.91 -30.22 15.50
C TYR D 250 -10.24 -29.75 14.22
N LEU D 251 -9.02 -29.19 14.28
CA LEU D 251 -8.20 -28.75 13.11
C LEU D 251 -8.11 -29.86 12.03
N LYS D 252 -8.03 -31.14 12.41
CA LYS D 252 -7.81 -32.25 11.43
C LYS D 252 -8.94 -32.24 10.40
N TYR D 253 -10.15 -31.88 10.81
CA TYR D 253 -11.34 -31.82 9.92
C TYR D 253 -11.06 -30.85 8.79
N VAL D 254 -10.59 -29.65 9.13
CA VAL D 254 -10.23 -28.59 8.15
C VAL D 254 -9.02 -29.08 7.36
N GLY D 255 -8.05 -29.67 8.06
CA GLY D 255 -6.84 -30.26 7.44
C GLY D 255 -7.20 -31.20 6.30
N TRP D 256 -8.07 -32.19 6.55
CA TRP D 256 -8.40 -33.24 5.56
C TRP D 256 -9.22 -32.61 4.41
N THR D 257 -10.16 -31.74 4.74
CA THR D 257 -11.05 -31.12 3.72
C THR D 257 -10.22 -30.28 2.75
N LEU D 258 -9.09 -29.71 3.19
CA LEU D 258 -8.25 -28.76 2.41
C LEU D 258 -8.18 -29.20 0.94
N HIS D 259 -8.04 -30.48 0.67
CA HIS D 259 -8.02 -30.98 -0.73
C HIS D 259 -9.39 -31.59 -1.01
N ASP D 260 -10.38 -30.71 -1.08
CA ASP D 260 -11.78 -31.05 -1.43
C ASP D 260 -11.94 -30.83 -2.92
N ARG D 261 -12.68 -31.72 -3.58
CA ARG D 261 -13.10 -31.60 -5.00
C ARG D 261 -13.48 -30.13 -5.24
N GLN D 262 -14.39 -29.54 -4.47
CA GLN D 262 -15.00 -28.23 -4.83
C GLN D 262 -14.18 -27.06 -4.24
N GLY D 263 -13.96 -26.03 -5.05
CA GLY D 263 -13.23 -24.81 -4.68
C GLY D 263 -13.91 -24.06 -3.58
N GLU D 264 -15.24 -23.95 -3.63
CA GLU D 264 -16.05 -23.24 -2.61
C GLU D 264 -15.66 -23.80 -1.24
N VAL D 265 -15.48 -25.12 -1.15
CA VAL D 265 -15.09 -25.78 0.12
C VAL D 265 -13.62 -25.44 0.41
N ARG D 266 -12.75 -25.54 -0.59
CA ARG D 266 -11.30 -25.24 -0.38
C ARG D 266 -11.18 -23.81 0.14
N LEU D 267 -11.87 -22.86 -0.49
CA LEU D 267 -11.96 -21.47 0.01
C LEU D 267 -12.37 -21.46 1.50
N LYS D 268 -13.36 -22.26 1.89
CA LYS D 268 -13.87 -22.21 3.28
C LYS D 268 -12.78 -22.73 4.24
N CYS D 269 -11.94 -23.68 3.83
CA CYS D 269 -10.83 -24.20 4.67
C CYS D 269 -9.75 -23.11 4.85
N LEU D 270 -9.41 -22.42 3.78
CA LEU D 270 -8.34 -21.38 3.81
C LEU D 270 -8.87 -20.16 4.59
N LYS D 271 -10.12 -19.77 4.36
CA LYS D 271 -10.72 -18.62 5.09
C LYS D 271 -10.76 -18.96 6.59
N ALA D 272 -11.25 -20.14 6.95
CA ALA D 272 -11.28 -20.64 8.35
C ALA D 272 -9.90 -20.52 9.01
N LEU D 273 -8.85 -21.03 8.37
CA LEU D 273 -7.47 -21.00 8.93
C LEU D 273 -6.91 -19.58 8.94
N GLN D 274 -7.23 -18.78 7.93
CA GLN D 274 -6.79 -17.36 7.86
C GLN D 274 -7.11 -16.68 9.19
N SER D 275 -8.32 -16.88 9.72
CA SER D 275 -8.80 -16.17 10.93
C SER D 275 -8.02 -16.61 12.19
N LEU D 276 -7.35 -17.77 12.16
CA LEU D 276 -6.65 -18.33 13.35
C LEU D 276 -5.22 -17.81 13.32
N TYR D 277 -4.58 -17.97 12.17
CA TYR D 277 -3.19 -17.52 11.94
C TYR D 277 -3.10 -16.02 12.18
N THR D 278 -4.11 -15.21 11.81
CA THR D 278 -4.13 -13.71 11.98
C THR D 278 -4.04 -13.33 13.47
N ASN D 279 -4.15 -14.30 14.37
CA ASN D 279 -3.93 -14.08 15.83
C ASN D 279 -2.66 -14.81 16.22
N ARG D 280 -1.54 -14.07 16.23
CA ARG D 280 -0.18 -14.57 16.55
C ARG D 280 -0.21 -15.25 17.93
N GLU D 281 -1.07 -14.80 18.84
CA GLU D 281 -1.21 -15.42 20.19
C GLU D 281 -1.46 -16.93 20.01
N LEU D 282 -2.29 -17.32 19.03
CA LEU D 282 -2.79 -18.72 18.88
C LEU D 282 -1.73 -19.64 18.30
N PHE D 283 -0.63 -19.10 17.77
CA PHE D 283 0.39 -19.83 16.97
C PHE D 283 0.89 -21.10 17.63
N PRO D 284 1.26 -21.10 18.93
CA PRO D 284 1.64 -22.34 19.62
C PRO D 284 0.66 -23.50 19.31
N LYS D 285 -0.64 -23.24 19.47
CA LYS D 285 -1.75 -24.20 19.26
C LYS D 285 -1.91 -24.57 17.78
N LEU D 286 -1.40 -23.77 16.82
CA LEU D 286 -1.46 -24.05 15.35
C LEU D 286 -0.25 -24.87 14.89
N GLU D 287 0.76 -25.08 15.76
CA GLU D 287 2.16 -25.37 15.34
C GLU D 287 2.25 -26.75 14.70
N LEU D 288 1.80 -27.79 15.41
CA LEU D 288 1.82 -29.17 14.87
C LEU D 288 1.07 -29.20 13.53
N PHE D 289 -0.08 -28.51 13.47
CA PHE D 289 -1.03 -28.54 12.33
C PHE D 289 -0.34 -27.98 11.08
N THR D 290 0.53 -26.97 11.25
CA THR D 290 1.21 -26.28 10.10
C THR D 290 2.21 -27.21 9.41
N ASN D 291 3.02 -27.93 10.20
CA ASN D 291 3.97 -28.98 9.71
C ASN D 291 3.16 -30.04 9.01
N ARG D 292 2.12 -30.51 9.69
CA ARG D 292 1.29 -31.65 9.24
C ARG D 292 0.75 -31.35 7.85
N PHE D 293 0.25 -30.13 7.61
CA PHE D 293 -0.54 -29.76 6.41
C PHE D 293 0.21 -28.74 5.55
N LYS D 294 1.46 -28.42 5.90
CA LYS D 294 2.32 -27.48 5.14
C LYS D 294 2.18 -27.82 3.64
N ASP D 295 2.44 -29.07 3.25
CA ASP D 295 2.41 -29.57 1.84
C ASP D 295 1.07 -29.27 1.16
N ARG D 296 -0.06 -29.64 1.78
CA ARG D 296 -1.43 -29.40 1.22
C ARG D 296 -1.65 -27.88 1.14
N ILE D 297 -1.39 -27.15 2.24
CA ILE D 297 -1.65 -25.68 2.31
C ILE D 297 -0.89 -24.95 1.20
N VAL D 298 0.36 -25.33 0.99
CA VAL D 298 1.33 -24.49 0.23
C VAL D 298 1.23 -24.84 -1.26
N SER D 299 0.83 -26.08 -1.61
CA SER D 299 0.55 -26.50 -3.01
C SER D 299 -0.66 -25.73 -3.55
N MET D 300 -1.52 -25.27 -2.63
CA MET D 300 -2.79 -24.60 -3.01
C MET D 300 -2.52 -23.18 -3.49
N THR D 301 -1.32 -22.65 -3.23
CA THR D 301 -0.91 -21.31 -3.72
C THR D 301 -0.93 -21.30 -5.25
N LEU D 302 -0.82 -22.46 -5.90
CA LEU D 302 -1.06 -22.65 -7.37
C LEU D 302 -2.23 -23.62 -7.61
N ASP D 303 -3.45 -23.22 -7.24
CA ASP D 303 -4.61 -24.12 -7.02
C ASP D 303 -5.21 -24.64 -8.34
N LYS D 304 -5.54 -23.75 -9.28
CA LYS D 304 -6.32 -24.08 -10.50
C LYS D 304 -7.51 -23.11 -10.57
N GLU D 305 -8.24 -22.99 -9.46
CA GLU D 305 -9.18 -21.87 -9.25
C GLU D 305 -8.32 -20.71 -8.78
N TYR D 306 -8.22 -19.65 -9.58
CA TYR D 306 -7.71 -18.36 -9.10
C TYR D 306 -8.57 -18.04 -7.88
N ASP D 307 -7.97 -17.52 -6.80
CA ASP D 307 -8.69 -16.92 -5.64
C ASP D 307 -8.84 -17.96 -4.53
N VAL D 308 -8.98 -19.25 -4.86
CA VAL D 308 -8.55 -20.31 -3.91
C VAL D 308 -7.07 -20.05 -3.69
N ALA D 309 -6.35 -19.81 -4.79
CA ALA D 309 -4.88 -19.62 -4.83
C ALA D 309 -4.53 -18.35 -4.07
N VAL D 310 -5.27 -17.27 -4.30
CA VAL D 310 -5.03 -15.96 -3.65
C VAL D 310 -5.08 -16.14 -2.12
N GLU D 311 -6.11 -16.85 -1.64
CA GLU D 311 -6.37 -17.09 -0.19
C GLU D 311 -5.31 -18.05 0.36
N ALA D 312 -4.89 -19.02 -0.46
CA ALA D 312 -3.74 -19.90 -0.16
C ALA D 312 -2.49 -19.03 0.02
N ILE D 313 -2.25 -18.08 -0.89
CA ILE D 313 -1.05 -17.19 -0.83
C ILE D 313 -1.17 -16.26 0.38
N ARG D 314 -2.34 -15.68 0.66
CA ARG D 314 -2.55 -14.85 1.89
C ARG D 314 -2.30 -15.70 3.14
N LEU D 315 -2.81 -16.95 3.14
CA LEU D 315 -2.64 -17.89 4.28
C LEU D 315 -1.13 -18.11 4.52
N VAL D 316 -0.37 -18.39 3.46
CA VAL D 316 1.08 -18.74 3.60
C VAL D 316 1.85 -17.50 4.09
N THR D 317 1.60 -16.33 3.49
CA THR D 317 2.08 -15.01 4.00
C THR D 317 1.82 -14.92 5.52
N LEU D 318 0.56 -15.16 5.93
CA LEU D 318 0.10 -15.09 7.35
C LEU D 318 0.90 -16.09 8.17
N ILE D 319 1.06 -17.31 7.66
CA ILE D 319 1.80 -18.36 8.41
C ILE D 319 3.24 -17.91 8.55
N LEU D 320 3.86 -17.39 7.48
CA LEU D 320 5.27 -16.91 7.52
C LEU D 320 5.45 -15.90 8.65
N HIS D 321 4.54 -14.93 8.75
CA HIS D 321 4.61 -13.72 9.63
C HIS D 321 4.61 -14.08 11.13
N GLY D 322 4.17 -15.27 11.54
CA GLY D 322 4.43 -15.81 12.90
C GLY D 322 5.41 -16.97 12.88
#